data_3VEF
#
_entry.id   3VEF
#
_cell.length_a   132.306
_cell.length_b   132.306
_cell.length_c   158.790
_cell.angle_alpha   90.000
_cell.angle_beta   90.000
_cell.angle_gamma   120.000
#
_symmetry.space_group_name_H-M   'P 32 2 1'
#
loop_
_entity.id
_entity.type
_entity.pdbx_description
1 polymer DypB
2 non-polymer 'PROTOPORPHYRIN IX CONTAINING FE'
3 non-polymer 'CHLORIDE ION'
4 water water
#
_entity_poly.entity_id   1
_entity_poly.type   'polypeptide(L)'
_entity_poly.pdbx_seq_one_letter_code
;GSHMPGPVARLAPQAVLTPPSAASLFLVLVAGDSDDDRATVCDVISGIDGPLKAVGFRELAGSLSCVVGVGAQFWDRVSA
SSKPAHLHPFVPLSGPVHSAPSTPGDLLFHIKAARKDLCFELGRQIVSALGSAATVVDEVHGFRYFDSRDLLGFVDGTEN
PTDDDAADSALIGDEDPDFRGGSYVIVQKYLHDMSAWNTLSTEEQERVIGRTKLENVELDDDAQPSNSHVTLNTIVDDDG
VEHDILRDHMAFGSLGEAEYGTYFIGYAKDPAVTELMLRRMFLGEPPGNYDRVLDFSTAATGTLFFVPSRDVLESLGDEP
AGAESAPEDPVEPAAAGPYDLSLKIGGLKGVSQ
;
_entity_poly.pdbx_strand_id   A,B,C
#
loop_
_chem_comp.id
_chem_comp.type
_chem_comp.name
_chem_comp.formula
CL non-polymer 'CHLORIDE ION' 'Cl -1'
HEM non-polymer 'PROTOPORPHYRIN IX CONTAINING FE' 'C34 H32 Fe N4 O4'
#
# COMPACT_ATOMS: atom_id res chain seq x y z
N ALA A 9 3.22 2.47 16.23
CA ALA A 9 2.69 1.13 15.78
C ALA A 9 3.08 0.74 14.31
N ARG A 10 4.36 0.88 13.95
CA ARG A 10 4.86 0.67 12.56
C ARG A 10 5.00 -0.80 12.13
N LEU A 11 4.30 -1.16 11.06
CA LEU A 11 4.23 -2.53 10.52
C LEU A 11 4.16 -3.70 11.56
N ALA A 12 3.29 -3.51 12.56
CA ALA A 12 2.94 -4.54 13.54
C ALA A 12 1.53 -5.11 13.26
N PRO A 13 1.42 -6.45 13.26
CA PRO A 13 0.04 -6.99 13.19
C PRO A 13 -0.71 -6.58 14.47
N GLN A 14 -2.05 -6.69 14.47
CA GLN A 14 -2.91 -6.41 15.68
C GLN A 14 -2.79 -4.97 16.23
N ALA A 15 -2.41 -4.05 15.34
CA ALA A 15 -2.44 -2.63 15.60
C ALA A 15 -3.88 -2.15 15.54
N VAL A 16 -4.58 -2.44 16.62
CA VAL A 16 -5.99 -2.07 16.72
C VAL A 16 -6.10 -0.54 16.78
N LEU A 17 -5.14 0.15 17.37
CA LEU A 17 -5.38 1.56 17.66
C LEU A 17 -5.15 2.55 16.52
N THR A 18 -4.66 2.09 15.37
CA THR A 18 -4.36 2.97 14.24
C THR A 18 -5.46 3.99 13.84
N PRO A 19 -5.08 5.17 13.30
CA PRO A 19 -6.08 6.24 12.95
C PRO A 19 -6.85 5.94 11.67
N PRO A 20 -7.82 6.78 11.27
CA PRO A 20 -8.41 6.48 9.94
C PRO A 20 -7.39 6.55 8.79
N SER A 21 -7.73 5.93 7.68
CA SER A 21 -6.85 5.80 6.56
C SER A 21 -7.65 6.11 5.31
N ALA A 22 -6.94 6.33 4.19
CA ALA A 22 -7.56 6.71 2.92
C ALA A 22 -8.18 5.51 2.25
N ALA A 23 -7.63 4.33 2.58
CA ALA A 23 -8.06 3.09 1.97
C ALA A 23 -8.09 1.98 2.99
N SER A 24 -8.99 1.04 2.80
CA SER A 24 -8.86 -0.16 3.58
C SER A 24 -9.48 -1.37 2.86
N LEU A 25 -9.10 -2.55 3.32
CA LEU A 25 -9.69 -3.80 2.80
C LEU A 25 -10.17 -4.66 3.94
N PHE A 26 -11.40 -5.15 3.80
CA PHE A 26 -12.02 -6.01 4.80
C PHE A 26 -12.26 -7.39 4.18
N LEU A 27 -11.51 -8.40 4.65
CA LEU A 27 -11.68 -9.79 4.17
C LEU A 27 -12.25 -10.69 5.26
N VAL A 28 -13.36 -11.36 4.95
CA VAL A 28 -13.92 -12.39 5.82
C VAL A 28 -13.83 -13.76 5.15
N LEU A 29 -13.33 -14.73 5.89
CA LEU A 29 -13.14 -16.08 5.37
C LEU A 29 -13.62 -17.18 6.32
N VAL A 30 -14.06 -18.26 5.67
CA VAL A 30 -14.36 -19.52 6.34
C VAL A 30 -13.21 -20.49 6.05
N ALA A 31 -12.66 -21.13 7.09
CA ALA A 31 -11.70 -22.24 6.93
C ALA A 31 -12.38 -23.58 6.48
N GLY A 32 -11.66 -24.43 5.76
CA GLY A 32 -12.12 -25.82 5.55
C GLY A 32 -12.06 -26.66 6.84
N ASP A 33 -12.75 -27.81 6.90
CA ASP A 33 -12.74 -28.66 8.12
C ASP A 33 -11.52 -29.56 8.25
N SER A 34 -10.89 -29.89 7.13
CA SER A 34 -9.71 -30.72 7.21
C SER A 34 -8.68 -30.18 8.23
N ASP A 35 -8.10 -31.06 9.03
CA ASP A 35 -7.00 -30.75 9.91
C ASP A 35 -5.85 -30.05 9.21
N ASP A 36 -5.70 -30.34 7.92
CA ASP A 36 -4.64 -29.69 7.12
C ASP A 36 -5.01 -28.23 6.89
N ASP A 37 -6.27 -27.96 6.54
N ASP A 37 -6.25 -28.00 6.49
CA ASP A 37 -6.83 -26.62 6.61
CA ASP A 37 -6.80 -26.69 6.32
C ASP A 37 -6.50 -26.00 7.96
C ASP A 37 -6.69 -25.87 7.61
N ARG A 38 -7.08 -26.55 9.04
N ARG A 38 -7.01 -26.45 8.77
CA ARG A 38 -6.75 -26.13 10.41
CA ARG A 38 -6.75 -25.78 10.07
C ARG A 38 -5.32 -25.59 10.55
C ARG A 38 -5.29 -25.33 10.18
N ALA A 39 -4.36 -26.26 9.93
CA ALA A 39 -2.93 -25.99 10.13
C ALA A 39 -2.36 -24.92 9.17
N THR A 40 -2.81 -24.94 7.93
CA THR A 40 -2.43 -23.93 6.94
C THR A 40 -2.86 -22.57 7.50
N VAL A 41 -4.16 -22.43 7.78
CA VAL A 41 -4.69 -21.22 8.38
C VAL A 41 -3.81 -20.73 9.51
N CYS A 42 -3.47 -21.61 10.43
N CYS A 42 -3.48 -21.62 10.44
CA CYS A 42 -2.75 -21.20 11.62
CA CYS A 42 -2.72 -21.22 11.63
C CYS A 42 -1.31 -20.82 11.32
C CYS A 42 -1.34 -20.75 11.26
N ASP A 43 -0.78 -21.35 10.23
CA ASP A 43 0.55 -21.00 9.86
C ASP A 43 0.57 -19.58 9.34
N VAL A 44 -0.33 -19.31 8.39
CA VAL A 44 -0.40 -18.07 7.70
C VAL A 44 -0.69 -16.94 8.68
N ILE A 45 -1.71 -17.13 9.52
CA ILE A 45 -2.12 -16.04 10.42
C ILE A 45 -1.11 -15.85 11.53
N SER A 46 -0.35 -16.88 11.91
CA SER A 46 0.55 -16.67 13.03
C SER A 46 1.82 -16.03 12.53
N GLY A 47 2.11 -16.27 11.25
CA GLY A 47 3.22 -15.60 10.62
C GLY A 47 2.82 -14.33 9.87
N ILE A 48 1.68 -13.73 10.24
CA ILE A 48 1.12 -12.67 9.40
C ILE A 48 2.04 -11.47 9.15
N ASP A 49 2.96 -11.16 10.05
CA ASP A 49 3.77 -9.99 9.77
C ASP A 49 4.83 -10.26 8.72
N GLY A 50 4.96 -11.51 8.28
CA GLY A 50 5.79 -11.80 7.14
C GLY A 50 5.25 -10.98 5.99
N PRO A 51 4.04 -11.32 5.49
CA PRO A 51 3.46 -10.55 4.37
C PRO A 51 3.25 -9.06 4.67
N LEU A 52 2.87 -8.75 5.91
CA LEU A 52 2.63 -7.35 6.29
C LEU A 52 3.92 -6.55 6.05
N LYS A 53 5.05 -7.11 6.45
CA LYS A 53 6.34 -6.50 6.15
C LYS A 53 6.78 -6.64 4.70
N ALA A 54 6.43 -7.76 4.06
CA ALA A 54 6.82 -7.97 2.67
C ALA A 54 6.27 -6.84 1.80
N VAL A 55 5.07 -6.39 2.14
CA VAL A 55 4.39 -5.41 1.34
C VAL A 55 4.66 -4.05 1.92
N GLY A 56 4.46 -3.92 3.23
CA GLY A 56 4.37 -2.61 3.84
C GLY A 56 5.70 -1.92 3.86
N PHE A 57 6.77 -2.70 3.95
CA PHE A 57 8.09 -2.10 3.97
C PHE A 57 8.41 -1.33 2.67
N ARG A 58 7.68 -1.61 1.58
CA ARG A 58 7.92 -0.93 0.29
C ARG A 58 7.40 0.54 0.28
N GLU A 59 6.65 0.92 1.31
CA GLU A 59 6.14 2.29 1.43
C GLU A 59 6.94 3.07 2.48
N LEU A 60 7.51 4.22 2.11
CA LEU A 60 8.36 4.97 3.04
C LEU A 60 7.62 5.29 4.33
N ALA A 61 6.39 5.76 4.15
CA ALA A 61 5.49 6.19 5.22
C ALA A 61 5.12 5.10 6.21
N GLY A 62 5.26 3.85 5.83
CA GLY A 62 4.81 2.71 6.66
C GLY A 62 3.37 2.84 7.14
N SER A 63 2.41 3.21 6.27
CA SER A 63 1.04 3.36 6.74
C SER A 63 0.26 2.06 6.83
N LEU A 64 0.74 0.99 6.17
CA LEU A 64 0.00 -0.27 6.08
C LEU A 64 -0.18 -0.94 7.43
N SER A 65 -1.42 -1.34 7.74
CA SER A 65 -1.65 -2.19 8.88
C SER A 65 -2.68 -3.32 8.60
N CYS A 66 -2.67 -4.34 9.46
CA CYS A 66 -3.41 -5.59 9.28
C CYS A 66 -3.80 -6.18 10.63
N VAL A 67 -5.10 -6.20 10.93
CA VAL A 67 -5.60 -6.78 12.19
C VAL A 67 -6.28 -8.09 11.85
N VAL A 68 -5.82 -9.17 12.48
CA VAL A 68 -6.43 -10.51 12.30
C VAL A 68 -7.43 -10.78 13.41
N GLY A 69 -8.66 -11.12 13.03
CA GLY A 69 -9.66 -11.69 13.93
C GLY A 69 -9.96 -13.18 13.69
N VAL A 70 -10.35 -13.87 14.75
CA VAL A 70 -10.66 -15.30 14.65
C VAL A 70 -12.02 -15.58 15.27
N GLY A 71 -12.89 -16.29 14.54
CA GLY A 71 -14.25 -16.55 15.00
C GLY A 71 -14.28 -17.53 16.16
N ALA A 72 -15.39 -17.56 16.92
CA ALA A 72 -15.53 -18.47 18.08
C ALA A 72 -15.37 -19.95 17.68
N GLN A 73 -16.08 -20.39 16.64
CA GLN A 73 -16.05 -21.76 16.20
C GLN A 73 -14.64 -22.14 15.87
N PHE A 74 -13.94 -21.28 15.12
CA PHE A 74 -12.61 -21.65 14.66
C PHE A 74 -11.60 -21.67 15.81
N TRP A 75 -11.77 -20.75 16.74
CA TRP A 75 -10.93 -20.74 17.91
C TRP A 75 -11.01 -22.07 18.63
N ASP A 76 -12.24 -22.58 18.80
CA ASP A 76 -12.49 -23.87 19.45
C ASP A 76 -11.77 -25.03 18.79
N ARG A 77 -11.76 -25.03 17.47
CA ARG A 77 -11.07 -26.03 16.68
C ARG A 77 -9.55 -25.98 16.83
N VAL A 78 -9.04 -24.95 17.51
CA VAL A 78 -7.60 -24.72 17.48
C VAL A 78 -7.01 -24.49 18.87
N SER A 79 -7.89 -24.26 19.84
CA SER A 79 -7.49 -23.93 21.21
C SER A 79 -8.69 -24.09 22.17
N ALA A 80 -9.15 -25.34 22.30
CA ALA A 80 -10.07 -25.70 23.37
C ALA A 80 -9.39 -25.48 24.75
N SER A 81 -8.05 -25.52 24.80
CA SER A 81 -7.22 -25.15 25.99
C SER A 81 -7.74 -23.94 26.79
N SER A 82 -7.45 -22.72 26.32
CA SER A 82 -8.10 -21.50 26.86
C SER A 82 -8.83 -20.61 25.81
N LYS A 83 -9.91 -19.98 26.27
CA LYS A 83 -10.80 -19.14 25.52
C LYS A 83 -10.79 -17.77 26.17
N PRO A 84 -10.91 -16.70 25.38
CA PRO A 84 -11.08 -15.35 25.94
C PRO A 84 -12.47 -15.23 26.54
N ALA A 85 -12.59 -14.48 27.64
CA ALA A 85 -13.86 -14.40 28.34
C ALA A 85 -15.09 -14.24 27.43
N HIS A 86 -15.03 -13.41 26.39
CA HIS A 86 -16.28 -13.11 25.71
C HIS A 86 -16.48 -13.61 24.30
N LEU A 87 -15.69 -14.60 23.93
CA LEU A 87 -15.74 -15.13 22.59
C LEU A 87 -16.91 -16.07 22.39
N HIS A 88 -17.94 -15.57 21.74
CA HIS A 88 -19.10 -16.38 21.29
C HIS A 88 -19.48 -15.93 19.87
N PRO A 89 -20.36 -16.68 19.15
CA PRO A 89 -20.61 -16.11 17.82
C PRO A 89 -21.54 -14.91 17.88
N PHE A 90 -21.66 -14.23 16.76
CA PHE A 90 -22.47 -13.04 16.68
C PHE A 90 -23.93 -13.41 16.94
N VAL A 91 -24.55 -12.74 17.87
CA VAL A 91 -25.94 -12.97 18.22
C VAL A 91 -26.90 -12.22 17.27
N PRO A 92 -27.76 -12.95 16.54
CA PRO A 92 -28.71 -12.27 15.62
C PRO A 92 -29.70 -11.48 16.39
N LEU A 93 -30.19 -10.42 15.79
CA LEU A 93 -31.15 -9.59 16.45
C LEU A 93 -32.32 -9.47 15.53
N SER A 94 -33.49 -9.62 16.12
CA SER A 94 -34.72 -9.61 15.37
C SER A 94 -35.63 -8.60 16.03
N GLY A 95 -35.89 -7.52 15.32
CA GLY A 95 -36.50 -6.34 15.93
C GLY A 95 -37.85 -6.03 15.31
N PRO A 96 -38.55 -5.03 15.85
CA PRO A 96 -39.91 -4.77 15.37
C PRO A 96 -39.99 -4.52 13.85
N VAL A 97 -39.04 -3.79 13.26
CA VAL A 97 -39.07 -3.54 11.80
C VAL A 97 -37.83 -4.10 11.08
N HIS A 98 -36.68 -4.14 11.77
CA HIS A 98 -35.40 -4.47 11.12
C HIS A 98 -34.66 -5.51 11.88
N SER A 99 -33.83 -6.31 11.19
CA SER A 99 -33.06 -7.36 11.85
C SER A 99 -31.55 -7.35 11.54
N ALA A 100 -30.72 -7.82 12.48
CA ALA A 100 -29.31 -7.92 12.21
C ALA A 100 -28.97 -9.39 12.05
N PRO A 101 -28.63 -9.84 10.84
CA PRO A 101 -28.32 -11.28 10.70
C PRO A 101 -26.98 -11.65 11.29
N SER A 102 -26.86 -12.94 11.65
CA SER A 102 -25.59 -13.53 12.02
C SER A 102 -25.06 -14.39 10.87
N THR A 103 -23.97 -13.97 10.25
CA THR A 103 -23.45 -14.55 9.02
C THR A 103 -22.06 -15.16 9.24
N PRO A 104 -21.62 -16.09 8.36
CA PRO A 104 -20.39 -16.84 8.75
C PRO A 104 -19.07 -16.06 8.63
N GLY A 105 -18.14 -16.43 9.50
CA GLY A 105 -16.76 -16.08 9.32
C GLY A 105 -15.82 -16.72 10.34
N ASP A 106 -14.68 -17.23 9.88
CA ASP A 106 -13.71 -17.80 10.79
C ASP A 106 -12.54 -16.88 10.96
N LEU A 107 -12.25 -16.16 9.87
CA LEU A 107 -11.16 -15.20 9.82
C LEU A 107 -11.60 -13.84 9.32
N LEU A 108 -11.14 -12.79 10.03
CA LEU A 108 -11.21 -11.40 9.58
C LEU A 108 -9.80 -10.89 9.31
N PHE A 109 -9.61 -10.30 8.15
CA PHE A 109 -8.42 -9.45 7.97
C PHE A 109 -8.89 -8.02 7.76
N HIS A 110 -8.55 -7.15 8.71
CA HIS A 110 -8.85 -5.73 8.62
C HIS A 110 -7.60 -4.99 8.22
N ILE A 111 -7.54 -4.62 6.95
CA ILE A 111 -6.32 -4.04 6.38
C ILE A 111 -6.54 -2.56 6.07
N LYS A 112 -5.57 -1.73 6.42
CA LYS A 112 -5.62 -0.24 6.20
C LYS A 112 -4.30 0.24 5.68
N ALA A 113 -4.34 1.27 4.84
CA ALA A 113 -3.13 1.92 4.32
C ALA A 113 -3.50 3.24 3.68
N ALA A 114 -2.46 3.99 3.36
CA ALA A 114 -2.58 5.27 2.67
C ALA A 114 -2.94 5.11 1.19
N ARG A 115 -2.86 3.89 0.65
CA ARG A 115 -3.09 3.63 -0.80
C ARG A 115 -3.81 2.29 -1.02
N LYS A 116 -4.63 2.18 -2.07
CA LYS A 116 -5.29 0.93 -2.36
C LYS A 116 -4.29 -0.16 -2.71
N ASP A 117 -3.28 0.16 -3.50
CA ASP A 117 -2.37 -0.87 -3.95
C ASP A 117 -1.76 -1.67 -2.78
N LEU A 118 -1.36 -0.98 -1.71
CA LEU A 118 -0.84 -1.66 -0.55
C LEU A 118 -1.89 -2.62 0.05
N CYS A 119 -3.14 -2.17 0.12
CA CYS A 119 -4.17 -3.00 0.73
C CYS A 119 -4.36 -4.26 -0.10
N PHE A 120 -4.59 -4.05 -1.40
CA PHE A 120 -4.85 -5.09 -2.37
C PHE A 120 -3.72 -6.09 -2.40
N GLU A 121 -2.49 -5.59 -2.45
CA GLU A 121 -1.31 -6.47 -2.48
C GLU A 121 -1.13 -7.29 -1.20
N LEU A 122 -1.36 -6.73 -0.02
CA LEU A 122 -1.35 -7.53 1.20
C LEU A 122 -2.44 -8.61 1.10
N GLY A 123 -3.63 -8.24 0.62
CA GLY A 123 -4.72 -9.19 0.49
C GLY A 123 -4.37 -10.32 -0.48
N ARG A 124 -3.83 -9.95 -1.64
CA ARG A 124 -3.38 -10.90 -2.66
C ARG A 124 -2.46 -11.94 -2.00
N GLN A 125 -1.53 -11.47 -1.17
CA GLN A 125 -0.55 -12.37 -0.60
C GLN A 125 -1.14 -13.27 0.46
N ILE A 126 -2.08 -12.74 1.23
CA ILE A 126 -2.70 -13.51 2.26
C ILE A 126 -3.58 -14.60 1.63
N VAL A 127 -4.55 -14.19 0.82
CA VAL A 127 -5.50 -15.10 0.18
C VAL A 127 -4.78 -16.25 -0.54
N SER A 128 -3.72 -15.89 -1.24
CA SER A 128 -2.96 -16.81 -2.02
C SER A 128 -2.13 -17.77 -1.15
N ALA A 129 -1.75 -17.31 0.03
CA ALA A 129 -1.01 -18.14 0.95
C ALA A 129 -1.95 -19.09 1.67
N LEU A 130 -3.24 -18.74 1.75
CA LEU A 130 -4.21 -19.62 2.37
C LEU A 130 -4.72 -20.63 1.36
N GLY A 131 -4.44 -20.41 0.08
CA GLY A 131 -4.86 -21.36 -0.99
C GLY A 131 -6.23 -21.97 -0.78
N SER A 132 -6.36 -23.27 -1.01
CA SER A 132 -7.67 -23.93 -0.84
C SER A 132 -8.09 -24.19 0.63
N ALA A 133 -7.19 -23.96 1.58
CA ALA A 133 -7.51 -24.02 3.02
C ALA A 133 -8.60 -23.06 3.56
N ALA A 134 -9.04 -22.08 2.74
CA ALA A 134 -9.98 -21.05 3.20
C ALA A 134 -10.68 -20.45 2.01
N THR A 135 -11.84 -19.86 2.26
CA THR A 135 -12.66 -19.28 1.22
C THR A 135 -13.14 -17.88 1.67
N VAL A 136 -12.89 -16.90 0.81
CA VAL A 136 -13.35 -15.54 1.04
C VAL A 136 -14.85 -15.54 0.98
N VAL A 137 -15.48 -15.09 2.05
CA VAL A 137 -16.91 -15.20 2.16
C VAL A 137 -17.55 -13.80 2.08
N ASP A 138 -16.73 -12.78 2.35
CA ASP A 138 -17.13 -11.38 2.15
C ASP A 138 -15.85 -10.54 1.92
N GLU A 139 -15.95 -9.55 1.03
CA GLU A 139 -14.81 -8.76 0.61
C GLU A 139 -15.27 -7.34 0.36
N VAL A 140 -14.73 -6.37 1.11
CA VAL A 140 -15.15 -4.97 0.91
C VAL A 140 -13.91 -4.11 0.74
N HIS A 141 -13.91 -3.35 -0.35
CA HIS A 141 -12.84 -2.41 -0.68
C HIS A 141 -13.27 -1.04 -0.26
N GLY A 142 -12.88 -0.62 0.94
CA GLY A 142 -13.45 0.62 1.51
C GLY A 142 -12.63 1.84 1.15
N PHE A 143 -13.26 3.02 1.12
CA PHE A 143 -12.58 4.27 0.78
C PHE A 143 -13.04 5.45 1.64
N ARG A 144 -12.15 6.40 1.82
CA ARG A 144 -12.50 7.60 2.52
C ARG A 144 -13.34 8.44 1.57
N TYR A 145 -14.46 8.94 2.09
CA TYR A 145 -15.38 9.73 1.29
C TYR A 145 -15.39 11.17 1.80
N PHE A 146 -14.80 12.08 1.04
CA PHE A 146 -14.63 13.51 1.47
C PHE A 146 -14.12 13.69 2.89
N ASP A 147 -14.68 14.65 3.64
CA ASP A 147 -14.16 14.90 5.00
C ASP A 147 -14.62 13.93 6.06
N SER A 148 -14.27 12.65 5.88
CA SER A 148 -14.70 11.53 6.77
C SER A 148 -16.20 11.31 6.81
N ARG A 149 -16.88 11.58 5.70
CA ARG A 149 -18.30 11.29 5.63
C ARG A 149 -18.54 9.83 5.31
N ASP A 150 -19.77 9.37 5.59
CA ASP A 150 -20.27 8.13 5.05
C ASP A 150 -21.13 8.49 3.84
N LEU A 151 -21.62 7.50 3.10
CA LEU A 151 -22.46 7.83 1.95
C LEU A 151 -23.83 8.49 2.29
N LEU A 152 -24.25 8.51 3.56
CA LEU A 152 -25.42 9.34 3.95
C LEU A 152 -25.09 10.80 4.12
N GLY A 153 -23.83 11.19 3.91
CA GLY A 153 -23.40 12.58 3.90
C GLY A 153 -22.98 13.16 5.24
N PHE A 154 -22.86 12.32 6.27
CA PHE A 154 -22.50 12.81 7.59
C PHE A 154 -21.04 12.47 7.90
N VAL A 155 -20.36 13.37 8.61
CA VAL A 155 -19.08 13.06 9.16
C VAL A 155 -19.31 11.93 10.14
N ASP A 156 -18.51 10.89 10.01
CA ASP A 156 -18.85 9.64 10.68
C ASP A 156 -17.54 9.13 11.29
N GLY A 157 -17.49 9.03 12.63
CA GLY A 157 -16.32 8.54 13.38
C GLY A 157 -15.90 9.56 14.43
N THR A 158 -16.54 10.75 14.39
CA THR A 158 -16.27 11.91 15.26
C THR A 158 -15.94 11.57 16.73
N GLU A 159 -16.82 10.81 17.38
CA GLU A 159 -16.78 10.64 18.83
C GLU A 159 -15.99 9.44 19.31
N ASN A 160 -15.27 8.79 18.38
CA ASN A 160 -14.22 7.84 18.73
C ASN A 160 -13.38 8.29 19.89
N PRO A 161 -13.18 7.39 20.87
CA PRO A 161 -12.13 7.69 21.86
C PRO A 161 -10.78 7.83 21.14
N THR A 162 -9.89 8.60 21.72
CA THR A 162 -8.51 8.67 21.26
C THR A 162 -7.52 8.47 22.40
N ASP A 163 -6.32 8.04 22.01
CA ASP A 163 -5.18 7.88 22.88
C ASP A 163 -5.58 6.99 24.03
N ASP A 164 -5.43 7.48 25.27
CA ASP A 164 -5.63 6.60 26.44
C ASP A 164 -7.02 5.98 26.51
N ASP A 165 -8.02 6.85 26.41
CA ASP A 165 -9.40 6.48 26.27
C ASP A 165 -9.58 5.27 25.35
N ALA A 166 -8.91 5.30 24.19
CA ALA A 166 -9.09 4.33 23.13
C ALA A 166 -8.56 2.98 23.58
N ALA A 167 -7.34 2.98 24.13
CA ALA A 167 -6.77 1.79 24.73
C ALA A 167 -7.66 1.19 25.85
N ASP A 168 -8.16 2.02 26.75
CA ASP A 168 -9.07 1.61 27.83
C ASP A 168 -10.29 0.96 27.24
N SER A 169 -10.89 1.62 26.24
CA SER A 169 -12.08 1.13 25.58
C SER A 169 -11.91 -0.16 24.78
N ALA A 170 -10.76 -0.34 24.11
CA ALA A 170 -10.63 -1.41 23.11
C ALA A 170 -9.80 -2.60 23.53
N LEU A 171 -8.83 -2.38 24.42
CA LEU A 171 -7.88 -3.44 24.77
C LEU A 171 -8.19 -4.13 26.11
N ILE A 172 -8.27 -5.45 26.10
CA ILE A 172 -8.26 -6.30 27.31
C ILE A 172 -6.90 -6.06 27.94
N GLY A 173 -6.75 -5.70 29.22
CA GLY A 173 -7.67 -5.87 30.30
C GLY A 173 -7.03 -6.74 31.39
N ASP A 174 -6.82 -6.16 32.59
CA ASP A 174 -6.59 -6.99 33.81
C ASP A 174 -7.69 -8.02 34.01
N GLU A 175 -8.91 -7.65 33.64
CA GLU A 175 -10.10 -8.52 33.70
C GLU A 175 -9.97 -9.84 32.93
N ASP A 176 -8.84 -10.09 32.24
CA ASP A 176 -8.66 -11.33 31.49
C ASP A 176 -7.19 -11.53 31.10
N PRO A 177 -6.30 -11.59 32.11
CA PRO A 177 -4.83 -11.50 31.95
C PRO A 177 -4.23 -12.30 30.79
N ASP A 178 -4.73 -13.49 30.53
CA ASP A 178 -4.22 -14.36 29.45
C ASP A 178 -4.41 -13.78 28.06
N PHE A 179 -5.30 -12.81 27.93
CA PHE A 179 -5.53 -12.22 26.64
C PHE A 179 -5.36 -10.72 26.68
N ARG A 180 -4.56 -10.27 27.64
CA ARG A 180 -4.20 -8.88 27.77
C ARG A 180 -3.72 -8.43 26.39
N GLY A 181 -4.14 -7.23 26.02
CA GLY A 181 -3.75 -6.62 24.74
C GLY A 181 -4.59 -7.06 23.54
N GLY A 182 -5.58 -7.91 23.72
CA GLY A 182 -6.38 -8.32 22.58
C GLY A 182 -7.61 -7.47 22.54
N SER A 183 -8.58 -7.87 21.72
CA SER A 183 -9.83 -7.15 21.58
C SER A 183 -10.90 -8.04 20.93
N TYR A 184 -12.13 -7.54 20.89
CA TYR A 184 -13.20 -8.18 20.17
C TYR A 184 -13.71 -7.22 19.11
N VAL A 185 -13.93 -7.74 17.91
CA VAL A 185 -14.40 -6.93 16.82
C VAL A 185 -15.67 -7.51 16.24
N ILE A 186 -16.59 -6.61 15.89
CA ILE A 186 -17.83 -6.93 15.21
C ILE A 186 -17.88 -6.13 13.89
N VAL A 187 -18.12 -6.85 12.79
CA VAL A 187 -18.31 -6.20 11.51
C VAL A 187 -19.75 -6.35 11.08
N GLN A 188 -20.27 -5.34 10.36
CA GLN A 188 -21.56 -5.46 9.65
C GLN A 188 -21.49 -4.66 8.36
N LYS A 189 -21.77 -5.31 7.24
CA LYS A 189 -21.79 -4.65 5.95
C LYS A 189 -23.19 -4.04 5.71
N TYR A 190 -23.30 -2.73 5.61
CA TYR A 190 -24.61 -2.10 5.43
C TYR A 190 -24.81 -1.59 4.02
N LEU A 191 -26.03 -1.76 3.51
CA LEU A 191 -26.40 -1.17 2.20
C LEU A 191 -27.50 -0.15 2.40
N HIS A 192 -27.38 0.98 1.72
CA HIS A 192 -28.30 2.08 1.94
C HIS A 192 -29.33 2.19 0.88
N ASP A 193 -30.51 2.66 1.27
CA ASP A 193 -31.52 3.05 0.30
C ASP A 193 -31.35 4.56 0.05
N MET A 194 -30.56 4.90 -0.97
CA MET A 194 -30.24 6.31 -1.20
C MET A 194 -31.45 7.14 -1.54
N SER A 195 -32.35 6.62 -2.36
CA SER A 195 -33.47 7.47 -2.82
C SER A 195 -34.39 7.80 -1.66
N ALA A 196 -34.61 6.83 -0.78
CA ALA A 196 -35.49 7.03 0.35
C ALA A 196 -34.85 8.12 1.23
N TRP A 197 -33.57 7.93 1.52
CA TRP A 197 -32.84 8.87 2.34
C TRP A 197 -32.95 10.26 1.78
N ASN A 198 -32.84 10.43 0.46
CA ASN A 198 -32.94 11.78 -0.12
C ASN A 198 -34.31 12.43 -0.08
N THR A 199 -35.37 11.70 0.23
CA THR A 199 -36.69 12.34 0.41
C THR A 199 -36.78 13.08 1.75
N LEU A 200 -35.91 12.74 2.71
CA LEU A 200 -35.87 13.53 3.94
C LEU A 200 -35.26 14.90 3.66
N SER A 201 -35.72 15.92 4.37
CA SER A 201 -35.04 17.21 4.41
C SER A 201 -33.79 17.00 5.25
N THR A 202 -32.86 17.94 5.14
CA THR A 202 -31.65 17.89 5.95
C THR A 202 -31.93 17.87 7.44
N GLU A 203 -32.94 18.61 7.87
CA GLU A 203 -33.29 18.65 9.30
C GLU A 203 -33.76 17.31 9.79
N GLU A 204 -34.55 16.63 8.95
CA GLU A 204 -35.01 15.30 9.32
C GLU A 204 -33.79 14.35 9.46
N GLN A 205 -32.86 14.45 8.52
CA GLN A 205 -31.71 13.56 8.53
C GLN A 205 -30.89 13.86 9.78
N GLU A 206 -30.81 15.13 10.15
CA GLU A 206 -30.15 15.51 11.39
C GLU A 206 -30.83 14.93 12.60
N ARG A 207 -32.16 14.90 12.60
CA ARG A 207 -32.88 14.31 13.73
C ARG A 207 -32.63 12.78 13.81
N VAL A 208 -32.60 12.11 12.66
CA VAL A 208 -32.18 10.73 12.62
C VAL A 208 -30.75 10.48 13.22
N ILE A 209 -29.79 11.32 12.85
CA ILE A 209 -28.42 11.09 13.24
C ILE A 209 -28.12 11.55 14.66
N GLY A 210 -28.45 12.81 14.97
CA GLY A 210 -28.12 13.36 16.27
C GLY A 210 -27.13 14.49 16.15
N ARG A 211 -26.78 14.88 14.93
CA ARG A 211 -25.77 15.93 14.70
C ARG A 211 -26.15 16.73 13.47
N THR A 212 -25.61 17.93 13.35
CA THR A 212 -25.87 18.67 12.13
C THR A 212 -25.06 18.09 10.96
N LYS A 213 -25.62 18.16 9.76
CA LYS A 213 -25.04 17.46 8.64
C LYS A 213 -23.72 18.10 8.18
N LEU A 214 -23.75 19.32 7.65
CA LEU A 214 -22.51 19.89 7.17
C LEU A 214 -21.52 20.15 8.28
N GLU A 215 -21.93 20.79 9.38
N GLU A 215 -21.97 20.72 9.39
CA GLU A 215 -20.98 21.28 10.42
CA GLU A 215 -21.05 21.25 10.39
C GLU A 215 -20.57 20.17 11.42
C GLU A 215 -20.63 20.20 11.44
N ASN A 216 -21.28 19.04 11.41
CA ASN A 216 -20.95 17.90 12.32
C ASN A 216 -20.99 18.33 13.79
N VAL A 217 -21.84 19.30 14.11
CA VAL A 217 -22.02 19.75 15.50
C VAL A 217 -23.16 18.95 16.14
N GLU A 218 -22.90 18.40 17.33
CA GLU A 218 -23.93 17.64 18.06
C GLU A 218 -25.16 18.53 18.36
N LEU A 219 -26.36 18.05 18.03
CA LEU A 219 -27.63 18.69 18.45
C LEU A 219 -27.69 18.83 19.98
N ASP A 220 -28.24 19.93 20.50
CA ASP A 220 -28.32 20.10 21.97
C ASP A 220 -29.41 19.21 22.57
N ASP A 221 -29.34 18.99 23.89
CA ASP A 221 -30.23 18.02 24.59
C ASP A 221 -31.73 18.10 24.30
N ASP A 222 -32.29 19.30 24.29
CA ASP A 222 -33.71 19.50 23.99
C ASP A 222 -34.12 19.27 22.51
N ALA A 223 -33.19 19.18 21.58
CA ALA A 223 -33.57 18.91 20.17
C ALA A 223 -33.11 17.56 19.68
N GLN A 224 -32.39 16.82 20.56
CA GLN A 224 -31.98 15.44 20.30
C GLN A 224 -33.13 14.46 20.48
N PRO A 225 -33.72 13.95 19.39
CA PRO A 225 -34.75 12.90 19.58
C PRO A 225 -34.23 11.74 20.45
N SER A 226 -35.12 11.01 21.11
CA SER A 226 -34.68 9.94 22.05
C SER A 226 -34.27 8.67 21.28
N ASN A 227 -34.63 8.64 20.01
CA ASN A 227 -34.24 7.55 19.15
C ASN A 227 -33.19 7.95 18.11
N SER A 228 -32.50 9.09 18.29
CA SER A 228 -31.39 9.45 17.37
C SER A 228 -30.32 8.39 17.49
N HIS A 229 -29.57 8.21 16.41
CA HIS A 229 -28.53 7.20 16.35
C HIS A 229 -27.56 7.43 17.49
N VAL A 230 -27.29 8.70 17.76
CA VAL A 230 -26.36 9.10 18.82
C VAL A 230 -26.89 8.74 20.23
N THR A 231 -28.14 9.11 20.53
CA THR A 231 -28.73 8.81 21.85
C THR A 231 -28.66 7.30 22.10
N LEU A 232 -29.19 6.54 21.13
CA LEU A 232 -29.22 5.08 21.21
C LEU A 232 -27.85 4.45 21.46
N ASN A 233 -26.83 5.04 20.84
CA ASN A 233 -25.50 4.51 20.92
C ASN A 233 -24.67 5.14 22.07
N THR A 234 -25.33 5.90 22.94
CA THR A 234 -24.68 6.33 24.17
C THR A 234 -24.99 5.30 25.26
N ILE A 235 -23.93 4.69 25.79
CA ILE A 235 -23.98 3.68 26.82
C ILE A 235 -23.37 4.21 28.12
N VAL A 236 -24.22 4.55 29.10
CA VAL A 236 -23.81 5.10 30.39
C VAL A 236 -24.20 4.11 31.52
N ASP A 237 -23.23 3.65 32.34
CA ASP A 237 -23.56 2.73 33.44
C ASP A 237 -24.25 3.40 34.65
N ASP A 238 -24.58 2.58 35.65
CA ASP A 238 -25.29 3.04 36.82
C ASP A 238 -24.50 4.06 37.66
N ASP A 239 -23.17 3.96 37.69
CA ASP A 239 -22.32 5.04 38.24
C ASP A 239 -22.12 6.29 37.35
N GLY A 240 -22.95 6.46 36.33
CA GLY A 240 -22.73 7.51 35.33
C GLY A 240 -21.43 7.45 34.47
N VAL A 241 -20.79 6.30 34.33
CA VAL A 241 -19.59 6.17 33.48
C VAL A 241 -19.98 5.74 32.05
N GLU A 242 -19.34 6.35 31.06
CA GLU A 242 -19.74 6.15 29.69
C GLU A 242 -18.83 5.09 29.14
N HIS A 243 -19.35 4.15 28.36
CA HIS A 243 -18.50 3.10 27.79
C HIS A 243 -18.53 3.23 26.29
N ASP A 244 -17.34 3.32 25.70
CA ASP A 244 -17.21 3.67 24.29
C ASP A 244 -16.63 2.54 23.49
N ILE A 245 -16.79 2.59 22.18
CA ILE A 245 -16.07 1.61 21.36
C ILE A 245 -15.22 2.38 20.38
N LEU A 246 -14.31 1.65 19.72
CA LEU A 246 -13.52 2.19 18.66
C LEU A 246 -14.02 1.64 17.31
N ARG A 247 -14.43 2.57 16.44
CA ARG A 247 -15.15 2.31 15.17
C ARG A 247 -14.32 2.70 13.97
N ASP A 248 -14.57 2.08 12.82
CA ASP A 248 -13.69 2.37 11.70
C ASP A 248 -14.39 2.40 10.35
N HIS A 249 -15.70 2.64 10.30
CA HIS A 249 -16.44 2.73 9.00
C HIS A 249 -15.62 3.06 7.73
N MET A 250 -15.95 2.43 6.60
CA MET A 250 -15.55 3.00 5.30
C MET A 250 -16.71 2.95 4.37
N ALA A 251 -16.74 3.88 3.42
CA ALA A 251 -17.67 3.84 2.30
C ALA A 251 -17.24 2.73 1.35
N PHE A 252 -18.19 2.20 0.57
CA PHE A 252 -17.88 1.28 -0.53
C PHE A 252 -19.09 1.25 -1.42
N GLY A 253 -18.96 0.68 -2.62
CA GLY A 253 -20.17 0.44 -3.37
C GLY A 253 -19.95 0.17 -4.82
N SER A 254 -21.05 0.14 -5.57
CA SER A 254 -21.04 -0.11 -6.99
C SER A 254 -22.20 0.66 -7.65
N LEU A 255 -21.84 1.48 -8.63
CA LEU A 255 -22.74 2.41 -9.27
C LEU A 255 -23.83 1.68 -10.08
N GLY A 256 -23.42 0.70 -10.89
CA GLY A 256 -24.34 -0.08 -11.73
C GLY A 256 -25.30 -0.96 -10.91
N GLU A 257 -24.79 -1.69 -9.92
CA GLU A 257 -25.66 -2.43 -8.99
C GLU A 257 -26.48 -1.56 -8.03
N ALA A 258 -26.45 -0.23 -8.22
CA ALA A 258 -26.94 0.74 -7.21
C ALA A 258 -26.69 0.36 -5.73
N GLU A 259 -25.49 -0.14 -5.44
CA GLU A 259 -25.10 -0.46 -4.09
C GLU A 259 -24.28 0.67 -3.51
N TYR A 260 -24.82 1.29 -2.47
CA TYR A 260 -24.13 2.35 -1.75
C TYR A 260 -24.03 1.96 -0.30
N GLY A 261 -22.80 1.71 0.15
CA GLY A 261 -22.57 1.06 1.42
C GLY A 261 -21.77 1.78 2.49
N THR A 262 -22.03 1.36 3.73
CA THR A 262 -21.18 1.66 4.85
C THR A 262 -20.77 0.35 5.50
N TYR A 263 -19.48 0.05 5.51
CA TYR A 263 -18.95 -1.09 6.24
C TYR A 263 -18.65 -0.69 7.69
N PHE A 264 -19.45 -1.21 8.63
CA PHE A 264 -19.23 -0.99 10.06
C PHE A 264 -18.17 -1.94 10.64
N ILE A 265 -17.16 -1.42 11.32
CA ILE A 265 -16.32 -2.27 12.14
C ILE A 265 -16.13 -1.62 13.51
N GLY A 266 -16.42 -2.37 14.59
CA GLY A 266 -16.38 -1.85 15.98
C GLY A 266 -15.52 -2.68 16.95
N TYR A 267 -14.57 -2.03 17.61
CA TYR A 267 -13.65 -2.76 18.51
C TYR A 267 -13.94 -2.43 19.97
N ALA A 268 -13.84 -3.42 20.85
CA ALA A 268 -14.14 -3.17 22.28
C ALA A 268 -13.48 -4.21 23.12
N LYS A 269 -13.16 -3.86 24.37
CA LYS A 269 -12.51 -4.86 25.27
C LYS A 269 -13.56 -5.85 25.78
N ASP A 270 -14.80 -5.38 25.81
CA ASP A 270 -15.93 -6.24 26.09
C ASP A 270 -17.00 -5.98 25.04
N PRO A 271 -17.22 -6.96 24.15
CA PRO A 271 -18.23 -6.84 23.07
C PRO A 271 -19.65 -6.61 23.55
N ALA A 272 -19.91 -6.80 24.84
CA ALA A 272 -21.25 -6.56 25.34
C ALA A 272 -21.66 -5.09 25.12
N VAL A 273 -20.65 -4.20 25.14
CA VAL A 273 -20.89 -2.78 24.91
C VAL A 273 -21.37 -2.62 23.49
N THR A 274 -20.64 -3.21 22.56
CA THR A 274 -21.00 -3.14 21.16
C THR A 274 -22.38 -3.77 20.97
N GLU A 275 -22.52 -4.97 21.52
N GLU A 275 -22.55 -4.99 21.48
CA GLU A 275 -23.76 -5.76 21.41
CA GLU A 275 -23.83 -5.69 21.27
C GLU A 275 -24.96 -4.97 21.94
C GLU A 275 -25.00 -4.92 21.91
N LEU A 276 -24.74 -4.24 23.03
CA LEU A 276 -25.81 -3.43 23.62
C LEU A 276 -26.24 -2.27 22.74
N MET A 277 -25.27 -1.57 22.14
CA MET A 277 -25.53 -0.58 21.09
C MET A 277 -26.40 -1.19 20.00
N LEU A 278 -25.94 -2.33 19.48
CA LEU A 278 -26.71 -3.06 18.47
C LEU A 278 -28.18 -3.34 18.90
N ARG A 279 -28.39 -3.78 20.16
CA ARG A 279 -29.75 -4.02 20.68
C ARG A 279 -30.54 -2.73 20.79
N ARG A 280 -29.94 -1.69 21.36
N ARG A 280 -29.96 -1.69 21.36
CA ARG A 280 -30.66 -0.44 21.50
CA ARG A 280 -30.72 -0.45 21.45
C ARG A 280 -31.04 0.09 20.09
C ARG A 280 -31.12 -0.02 20.03
N MET A 281 -30.18 -0.16 19.10
CA MET A 281 -30.47 0.25 17.70
C MET A 281 -31.61 -0.56 17.08
N PHE A 282 -31.47 -1.89 17.15
CA PHE A 282 -32.38 -2.75 16.40
C PHE A 282 -33.75 -2.93 17.05
N LEU A 283 -33.77 -3.02 18.38
CA LEU A 283 -34.97 -3.34 19.11
C LEU A 283 -35.51 -2.10 19.78
N GLY A 284 -34.63 -1.19 20.19
CA GLY A 284 -35.09 0.17 20.57
C GLY A 284 -34.99 0.47 22.05
N GLU A 285 -34.89 1.74 22.39
CA GLU A 285 -34.90 2.15 23.80
C GLU A 285 -35.83 3.37 23.97
N PRO A 286 -36.96 3.20 24.67
CA PRO A 286 -37.56 1.91 25.13
C PRO A 286 -37.88 1.02 23.92
N PRO A 287 -38.12 -0.30 24.12
CA PRO A 287 -38.44 -1.21 23.00
C PRO A 287 -39.44 -0.65 21.98
N GLY A 288 -39.15 -0.81 20.69
CA GLY A 288 -39.94 -0.20 19.62
C GLY A 288 -39.39 1.14 19.14
N ASN A 289 -38.76 1.89 20.05
CA ASN A 289 -38.17 3.18 19.72
C ASN A 289 -36.75 2.94 19.15
N TYR A 290 -36.67 2.47 17.91
CA TYR A 290 -35.42 1.95 17.30
C TYR A 290 -34.74 3.01 16.39
N ASP A 291 -33.48 2.76 16.05
CA ASP A 291 -32.64 3.68 15.31
C ASP A 291 -33.17 3.81 13.88
N ARG A 292 -33.69 5.00 13.56
N ARG A 292 -33.68 5.01 13.58
CA ARG A 292 -34.28 5.29 12.23
CA ARG A 292 -34.24 5.29 12.27
C ARG A 292 -33.18 5.30 11.12
C ARG A 292 -33.19 5.16 11.14
N VAL A 293 -31.90 5.17 11.52
CA VAL A 293 -30.83 4.93 10.57
C VAL A 293 -31.14 3.58 9.87
N LEU A 294 -31.70 2.64 10.61
CA LEU A 294 -32.07 1.32 10.07
C LEU A 294 -33.25 1.35 9.08
N ASP A 295 -34.03 2.42 9.04
CA ASP A 295 -35.00 2.58 7.95
C ASP A 295 -34.32 2.81 6.59
N PHE A 296 -33.00 3.05 6.57
CA PHE A 296 -32.31 3.41 5.33
C PHE A 296 -31.02 2.61 5.18
N SER A 297 -30.77 1.69 6.11
CA SER A 297 -29.58 0.87 6.01
C SER A 297 -29.90 -0.56 6.40
N THR A 298 -29.45 -1.50 5.59
CA THR A 298 -29.68 -2.89 5.87
C THR A 298 -28.38 -3.65 6.08
N ALA A 299 -28.29 -4.42 7.14
CA ALA A 299 -27.09 -5.16 7.39
C ALA A 299 -27.16 -6.43 6.55
N ALA A 300 -26.22 -6.63 5.65
CA ALA A 300 -26.11 -7.86 4.85
C ALA A 300 -25.25 -8.90 5.56
N THR A 301 -24.39 -8.46 6.47
CA THR A 301 -23.58 -9.37 7.28
C THR A 301 -23.54 -8.98 8.77
N GLY A 302 -23.05 -9.89 9.60
CA GLY A 302 -22.94 -9.68 11.04
C GLY A 302 -22.08 -10.83 11.55
N THR A 303 -20.88 -10.50 12.03
CA THR A 303 -19.94 -11.51 12.49
C THR A 303 -19.12 -10.91 13.62
N LEU A 304 -18.75 -11.76 14.60
CA LEU A 304 -17.91 -11.40 15.76
C LEU A 304 -16.59 -12.19 15.71
N PHE A 305 -15.47 -11.51 15.92
CA PHE A 305 -14.17 -12.17 15.97
C PHE A 305 -13.44 -11.73 17.18
N PHE A 306 -12.52 -12.58 17.63
CA PHE A 306 -11.64 -12.26 18.74
C PHE A 306 -10.35 -11.78 18.10
N VAL A 307 -9.82 -10.69 18.63
CA VAL A 307 -8.57 -10.14 18.12
C VAL A 307 -7.44 -10.41 19.14
N PRO A 308 -6.62 -11.42 18.85
CA PRO A 308 -5.49 -11.77 19.72
C PRO A 308 -4.44 -10.70 19.76
N SER A 309 -3.69 -10.63 20.86
CA SER A 309 -2.48 -9.82 20.95
C SER A 309 -1.50 -10.46 19.99
N ARG A 310 -0.41 -9.75 19.69
CA ARG A 310 0.65 -10.33 18.86
C ARG A 310 1.17 -11.65 19.44
N ASP A 311 1.46 -11.67 20.76
CA ASP A 311 2.02 -12.89 21.41
C ASP A 311 1.09 -14.05 21.21
N VAL A 312 -0.20 -13.87 21.52
CA VAL A 312 -1.11 -15.01 21.43
C VAL A 312 -1.26 -15.46 19.98
N LEU A 313 -1.34 -14.49 19.07
CA LEU A 313 -1.53 -14.76 17.64
C LEU A 313 -0.35 -15.53 17.05
N GLU A 314 0.85 -15.10 17.46
CA GLU A 314 2.09 -15.66 16.95
C GLU A 314 2.29 -17.11 17.39
N SER A 315 1.44 -17.58 18.30
CA SER A 315 1.61 -18.90 18.85
C SER A 315 0.39 -19.78 18.65
N LEU A 316 -0.21 -19.79 17.47
CA LEU A 316 -1.49 -20.48 17.34
C LEU A 316 -1.41 -21.90 16.83
N ALA B 9 -5.22 20.94 -18.86
CA ALA B 9 -6.63 21.42 -18.89
C ALA B 9 -7.33 21.07 -17.57
N ARG B 10 -7.79 22.09 -16.85
CA ARG B 10 -8.39 21.91 -15.52
C ARG B 10 -9.92 21.88 -15.51
N LEU B 11 -10.52 20.82 -14.99
CA LEU B 11 -11.98 20.66 -14.94
C LEU B 11 -12.74 20.93 -16.28
N ALA B 12 -12.11 20.58 -17.39
CA ALA B 12 -12.76 20.59 -18.69
C ALA B 12 -13.04 19.13 -19.08
N PRO B 13 -14.26 18.84 -19.60
CA PRO B 13 -14.56 17.45 -20.09
C PRO B 13 -13.72 17.18 -21.31
N GLN B 14 -13.68 15.93 -21.79
CA GLN B 14 -12.88 15.59 -23.00
C GLN B 14 -11.37 15.92 -22.97
N ALA B 15 -10.79 16.03 -21.77
CA ALA B 15 -9.36 16.21 -21.60
C ALA B 15 -8.68 14.85 -21.83
N VAL B 16 -8.56 14.53 -23.10
CA VAL B 16 -7.94 13.30 -23.50
C VAL B 16 -6.49 13.19 -23.00
N LEU B 17 -5.74 14.29 -23.01
CA LEU B 17 -4.30 14.26 -22.77
C LEU B 17 -3.84 14.30 -21.32
N THR B 18 -4.72 14.09 -20.34
CA THR B 18 -4.35 14.12 -18.92
C THR B 18 -3.29 13.06 -18.57
N PRO B 19 -2.36 13.35 -17.64
CA PRO B 19 -1.35 12.38 -17.19
C PRO B 19 -1.95 11.25 -16.38
N PRO B 20 -1.17 10.20 -16.08
CA PRO B 20 -1.84 9.12 -15.33
C PRO B 20 -2.25 9.58 -13.92
N SER B 21 -3.20 8.86 -13.32
CA SER B 21 -3.78 9.25 -12.06
C SER B 21 -3.70 8.11 -11.03
N ALA B 22 -3.98 8.38 -9.75
CA ALA B 22 -3.94 7.31 -8.75
C ALA B 22 -5.19 6.45 -8.83
N ALA B 23 -6.30 7.05 -9.30
CA ALA B 23 -7.57 6.33 -9.34
C ALA B 23 -8.31 6.68 -10.62
N SER B 24 -9.13 5.74 -11.11
CA SER B 24 -9.93 5.93 -12.31
C SER B 24 -11.20 5.19 -12.13
N LEU B 25 -12.19 5.61 -12.89
CA LEU B 25 -13.41 4.88 -12.98
C LEU B 25 -13.78 4.78 -14.47
N PHE B 26 -13.99 3.56 -14.96
CA PHE B 26 -14.49 3.40 -16.36
C PHE B 26 -15.91 2.89 -16.28
N LEU B 27 -16.86 3.68 -16.77
CA LEU B 27 -18.26 3.24 -16.88
C LEU B 27 -18.61 3.16 -18.33
N VAL B 28 -19.20 2.02 -18.71
CA VAL B 28 -19.80 1.85 -20.03
C VAL B 28 -21.31 1.58 -19.86
N LEU B 29 -22.12 2.38 -20.54
CA LEU B 29 -23.58 2.20 -20.51
C LEU B 29 -24.23 1.99 -21.88
N VAL B 30 -25.40 1.35 -21.85
CA VAL B 30 -26.29 1.24 -23.00
C VAL B 30 -27.51 2.17 -22.83
N ALA B 31 -27.81 2.96 -23.86
CA ALA B 31 -28.97 3.85 -23.83
C ALA B 31 -30.30 3.12 -23.99
N GLY B 32 -31.37 3.64 -23.37
CA GLY B 32 -32.73 3.18 -23.65
C GLY B 32 -33.12 3.42 -25.10
N ASP B 33 -34.19 2.77 -25.56
CA ASP B 33 -34.61 2.84 -26.97
C ASP B 33 -35.47 4.02 -27.34
N SER B 34 -36.15 4.56 -26.35
CA SER B 34 -37.10 5.62 -26.56
C SER B 34 -36.47 6.93 -27.06
N ASP B 35 -37.30 7.95 -27.18
CA ASP B 35 -36.87 9.28 -27.59
C ASP B 35 -36.63 10.13 -26.35
N ASP B 36 -37.33 9.82 -25.26
CA ASP B 36 -37.05 10.37 -23.93
C ASP B 36 -35.61 10.03 -23.57
N ASP B 37 -35.37 8.72 -23.44
CA ASP B 37 -34.06 8.14 -23.16
C ASP B 37 -32.94 8.84 -23.92
N ARG B 38 -33.06 8.90 -25.22
CA ARG B 38 -32.02 9.52 -26.03
C ARG B 38 -31.83 11.02 -25.73
N ALA B 39 -32.89 11.72 -25.32
CA ALA B 39 -32.75 13.16 -25.06
C ALA B 39 -32.26 13.44 -23.65
N THR B 40 -32.61 12.58 -22.69
CA THR B 40 -32.01 12.63 -21.35
C THR B 40 -30.49 12.44 -21.48
N VAL B 41 -30.10 11.32 -22.11
CA VAL B 41 -28.73 11.05 -22.49
C VAL B 41 -28.04 12.23 -23.17
N CYS B 42 -28.72 12.92 -24.07
CA CYS B 42 -28.02 14.04 -24.69
C CYS B 42 -27.86 15.22 -23.74
N ASP B 43 -28.79 15.35 -22.77
CA ASP B 43 -28.75 16.47 -21.84
C ASP B 43 -27.57 16.27 -20.89
N VAL B 44 -27.56 15.09 -20.26
CA VAL B 44 -26.52 14.74 -19.32
C VAL B 44 -25.13 14.85 -19.96
N ILE B 45 -24.97 14.28 -21.15
CA ILE B 45 -23.64 14.29 -21.69
C ILE B 45 -23.20 15.62 -22.28
N SER B 46 -24.13 16.38 -22.83
CA SER B 46 -23.72 17.67 -23.43
C SER B 46 -23.45 18.69 -22.35
N GLY B 47 -24.06 18.50 -21.18
CA GLY B 47 -23.81 19.35 -20.03
C GLY B 47 -23.00 18.70 -18.92
N ILE B 48 -22.04 17.86 -19.31
CA ILE B 48 -21.28 17.06 -18.38
C ILE B 48 -20.30 17.95 -17.61
N ASP B 49 -20.06 19.14 -18.16
N ASP B 49 -20.03 19.15 -18.12
CA ASP B 49 -19.23 20.16 -17.54
CA ASP B 49 -19.15 20.09 -17.43
C ASP B 49 -19.71 20.51 -16.11
C ASP B 49 -19.68 20.40 -16.02
N GLY B 50 -21.01 20.32 -15.87
CA GLY B 50 -21.67 20.63 -14.62
C GLY B 50 -21.34 19.69 -13.49
N PRO B 51 -21.72 18.42 -13.63
CA PRO B 51 -21.26 17.48 -12.57
C PRO B 51 -19.74 17.46 -12.38
N LEU B 52 -19.00 17.69 -13.46
CA LEU B 52 -17.55 17.65 -13.40
C LEU B 52 -17.04 18.74 -12.45
N LYS B 53 -17.58 19.95 -12.58
CA LYS B 53 -17.20 21.04 -11.68
C LYS B 53 -17.86 20.89 -10.30
N ALA B 54 -19.13 20.52 -10.27
CA ALA B 54 -19.82 20.28 -9.01
C ALA B 54 -19.00 19.39 -8.05
N VAL B 55 -18.37 18.35 -8.60
CA VAL B 55 -17.53 17.48 -7.79
C VAL B 55 -16.11 18.04 -7.69
N GLY B 56 -15.54 18.32 -8.85
CA GLY B 56 -14.11 18.53 -8.94
C GLY B 56 -13.67 19.82 -8.33
N PHE B 57 -14.54 20.83 -8.34
CA PHE B 57 -14.15 22.11 -7.71
C PHE B 57 -13.78 21.94 -6.23
N ARG B 58 -14.32 20.89 -5.59
CA ARG B 58 -14.18 20.67 -4.16
C ARG B 58 -12.80 20.16 -3.75
N GLU B 59 -11.92 19.91 -4.73
CA GLU B 59 -10.57 19.44 -4.42
C GLU B 59 -9.65 20.49 -4.99
N LEU B 60 -8.78 21.03 -4.13
CA LEU B 60 -7.98 22.17 -4.51
C LEU B 60 -7.10 21.88 -5.77
N ALA B 61 -6.45 20.71 -5.81
CA ALA B 61 -5.59 20.34 -6.96
C ALA B 61 -6.34 20.24 -8.30
N GLY B 62 -7.66 20.04 -8.30
CA GLY B 62 -8.45 19.94 -9.52
C GLY B 62 -7.93 18.82 -10.43
N SER B 63 -7.65 17.65 -9.84
CA SER B 63 -7.16 16.50 -10.57
C SER B 63 -8.29 15.84 -11.34
N LEU B 64 -9.56 16.05 -10.93
CA LEU B 64 -10.70 15.34 -11.56
C LEU B 64 -10.81 15.59 -13.05
N SER B 65 -10.91 14.51 -13.85
CA SER B 65 -11.22 14.68 -15.26
C SER B 65 -12.20 13.64 -15.74
N CYS B 66 -12.91 13.93 -16.84
CA CYS B 66 -13.96 13.03 -17.31
C CYS B 66 -14.06 13.15 -18.80
N VAL B 67 -13.76 12.08 -19.52
CA VAL B 67 -13.82 12.07 -20.99
C VAL B 67 -15.05 11.24 -21.37
N VAL B 68 -15.92 11.82 -22.20
CA VAL B 68 -17.17 11.16 -22.62
C VAL B 68 -17.01 10.55 -24.04
N GLY B 69 -17.43 9.31 -24.20
CA GLY B 69 -17.31 8.61 -25.47
C GLY B 69 -18.70 8.15 -25.91
N VAL B 70 -18.95 8.25 -27.21
CA VAL B 70 -20.26 7.87 -27.76
C VAL B 70 -20.03 6.79 -28.78
N GLY B 71 -20.77 5.70 -28.64
CA GLY B 71 -20.73 4.56 -29.60
C GLY B 71 -21.32 4.86 -30.99
N ALA B 72 -21.04 4.02 -31.99
CA ALA B 72 -21.46 4.34 -33.37
C ALA B 72 -22.97 4.31 -33.60
N GLN B 73 -23.65 3.29 -33.08
CA GLN B 73 -25.11 3.19 -33.13
C GLN B 73 -25.82 4.38 -32.51
N PHE B 74 -25.48 4.70 -31.27
CA PHE B 74 -26.11 5.85 -30.61
C PHE B 74 -25.77 7.15 -31.34
N TRP B 75 -24.59 7.22 -31.93
CA TRP B 75 -24.28 8.43 -32.63
C TRP B 75 -25.25 8.65 -33.77
N ASP B 76 -25.68 7.55 -34.44
CA ASP B 76 -26.61 7.60 -35.59
C ASP B 76 -28.01 8.00 -35.17
N ARG B 77 -28.34 7.79 -33.90
CA ARG B 77 -29.64 8.19 -33.36
C ARG B 77 -29.72 9.69 -33.07
N VAL B 78 -28.59 10.37 -33.10
CA VAL B 78 -28.48 11.69 -32.49
C VAL B 78 -28.04 12.68 -33.51
N SER B 79 -27.20 12.22 -34.44
CA SER B 79 -26.62 13.03 -35.50
C SER B 79 -26.41 12.19 -36.77
N ALA B 80 -27.52 11.70 -37.34
CA ALA B 80 -27.51 10.98 -38.63
C ALA B 80 -26.82 11.81 -39.74
N SER B 81 -27.04 13.13 -39.68
CA SER B 81 -26.46 14.19 -40.54
C SER B 81 -24.98 14.15 -40.85
N SER B 82 -24.19 13.73 -39.88
CA SER B 82 -22.82 14.21 -39.73
C SER B 82 -22.08 13.29 -38.76
N LYS B 83 -21.28 12.39 -39.30
CA LYS B 83 -20.66 11.34 -38.55
C LYS B 83 -19.18 11.55 -38.69
N PRO B 84 -18.42 11.30 -37.61
CA PRO B 84 -17.00 11.51 -37.87
C PRO B 84 -16.45 10.39 -38.75
N ALA B 85 -15.33 10.67 -39.42
CA ALA B 85 -14.80 9.82 -40.52
C ALA B 85 -14.66 8.31 -40.28
N HIS B 86 -14.35 7.89 -39.06
CA HIS B 86 -13.96 6.49 -38.82
C HIS B 86 -14.77 5.81 -37.77
N LEU B 87 -15.88 6.42 -37.39
CA LEU B 87 -16.69 5.85 -36.35
C LEU B 87 -17.48 4.61 -36.81
N HIS B 88 -17.21 3.45 -36.24
CA HIS B 88 -17.99 2.21 -36.51
C HIS B 88 -18.00 1.38 -35.25
N PRO B 89 -18.84 0.32 -35.15
CA PRO B 89 -18.66 -0.55 -33.98
C PRO B 89 -17.26 -1.20 -33.89
N PHE B 90 -16.93 -1.71 -32.70
CA PHE B 90 -15.67 -2.40 -32.48
C PHE B 90 -15.67 -3.65 -33.37
N VAL B 91 -14.57 -3.81 -34.11
CA VAL B 91 -14.32 -4.95 -35.03
C VAL B 91 -13.86 -6.21 -34.25
N PRO B 92 -14.76 -7.18 -34.08
CA PRO B 92 -14.30 -8.35 -33.31
C PRO B 92 -13.24 -9.14 -34.06
N LEU B 93 -12.22 -9.61 -33.37
CA LEU B 93 -11.17 -10.43 -33.94
C LEU B 93 -11.28 -11.83 -33.34
N SER B 94 -10.90 -12.82 -34.12
CA SER B 94 -11.15 -14.18 -33.72
C SER B 94 -10.01 -15.08 -34.23
N GLY B 95 -9.07 -15.38 -33.36
CA GLY B 95 -7.93 -16.22 -33.68
C GLY B 95 -8.16 -17.63 -33.18
N PRO B 96 -7.20 -18.53 -33.41
CA PRO B 96 -7.47 -19.94 -33.05
C PRO B 96 -7.70 -20.24 -31.55
N VAL B 97 -6.89 -19.65 -30.68
CA VAL B 97 -7.06 -19.83 -29.24
C VAL B 97 -7.52 -18.59 -28.47
N HIS B 98 -7.42 -17.40 -29.06
CA HIS B 98 -7.71 -16.14 -28.35
C HIS B 98 -8.55 -15.25 -29.21
N SER B 99 -9.55 -14.63 -28.61
CA SER B 99 -10.50 -13.80 -29.34
C SER B 99 -10.68 -12.42 -28.67
N ALA B 100 -11.08 -11.44 -29.45
CA ALA B 100 -11.36 -10.11 -28.95
C ALA B 100 -12.80 -9.85 -29.30
N PRO B 101 -13.72 -10.18 -28.37
CA PRO B 101 -15.15 -9.97 -28.59
C PRO B 101 -15.52 -8.51 -28.80
N SER B 102 -16.66 -8.27 -29.44
CA SER B 102 -17.17 -6.91 -29.61
C SER B 102 -18.41 -6.81 -28.75
N THR B 103 -18.35 -6.06 -27.64
CA THR B 103 -19.39 -6.14 -26.62
C THR B 103 -20.11 -4.81 -26.59
N PRO B 104 -21.39 -4.79 -26.14
CA PRO B 104 -22.24 -3.58 -26.21
C PRO B 104 -21.70 -2.36 -25.43
N GLY B 105 -22.05 -1.18 -25.94
CA GLY B 105 -21.88 0.07 -25.22
C GLY B 105 -22.16 1.29 -26.11
N ASP B 106 -23.08 2.14 -25.66
CA ASP B 106 -23.33 3.41 -26.36
C ASP B 106 -22.55 4.57 -25.76
N LEU B 107 -22.32 4.51 -24.45
CA LEU B 107 -21.64 5.59 -23.65
C LEU B 107 -20.43 5.16 -22.83
N LEU B 108 -19.36 5.94 -22.92
CA LEU B 108 -18.18 5.72 -22.11
C LEU B 108 -17.96 6.96 -21.25
N PHE B 109 -17.80 6.76 -19.93
CA PHE B 109 -17.21 7.80 -19.06
C PHE B 109 -15.89 7.31 -18.56
N HIS B 110 -14.84 8.00 -18.98
CA HIS B 110 -13.49 7.66 -18.50
C HIS B 110 -13.10 8.71 -17.48
N ILE B 111 -13.17 8.34 -16.21
CA ILE B 111 -12.98 9.29 -15.13
C ILE B 111 -11.63 9.06 -14.44
N LYS B 112 -10.90 10.15 -14.24
CA LYS B 112 -9.60 10.12 -13.54
C LYS B 112 -9.53 11.14 -12.42
N ALA B 113 -8.90 10.75 -11.31
CA ALA B 113 -8.68 11.69 -10.18
C ALA B 113 -7.53 11.23 -9.30
N ALA B 114 -7.13 12.06 -8.37
CA ALA B 114 -6.03 11.74 -7.45
C ALA B 114 -6.54 10.91 -6.29
N ARG B 115 -7.87 10.79 -6.18
CA ARG B 115 -8.59 10.19 -5.05
C ARG B 115 -9.75 9.37 -5.57
N LYS B 116 -10.05 8.24 -4.91
CA LYS B 116 -11.24 7.40 -5.27
C LYS B 116 -12.57 8.12 -5.11
N ASP B 117 -12.76 8.78 -3.98
CA ASP B 117 -14.07 9.35 -3.70
C ASP B 117 -14.52 10.29 -4.82
N LEU B 118 -13.59 11.05 -5.41
CA LEU B 118 -13.98 12.03 -6.45
C LEU B 118 -14.47 11.31 -7.70
N CYS B 119 -13.74 10.28 -8.10
CA CYS B 119 -14.17 9.43 -9.18
C CYS B 119 -15.54 8.86 -8.88
N PHE B 120 -15.71 8.28 -7.69
CA PHE B 120 -16.98 7.66 -7.31
C PHE B 120 -18.14 8.65 -7.33
N GLU B 121 -17.93 9.81 -6.73
CA GLU B 121 -18.99 10.79 -6.56
C GLU B 121 -19.41 11.30 -7.93
N LEU B 122 -18.44 11.54 -8.81
CA LEU B 122 -18.78 11.95 -10.17
C LEU B 122 -19.59 10.88 -10.87
N GLY B 123 -19.12 9.64 -10.81
CA GLY B 123 -19.89 8.53 -11.36
C GLY B 123 -21.30 8.49 -10.80
N ARG B 124 -21.41 8.61 -9.48
CA ARG B 124 -22.70 8.61 -8.81
C ARG B 124 -23.62 9.72 -9.35
N GLN B 125 -23.12 10.95 -9.49
CA GLN B 125 -24.00 12.02 -9.94
C GLN B 125 -24.38 11.82 -11.40
N ILE B 126 -23.47 11.29 -12.22
CA ILE B 126 -23.77 11.02 -13.64
C ILE B 126 -24.85 9.94 -13.71
N VAL B 127 -24.61 8.82 -13.06
CA VAL B 127 -25.56 7.74 -13.13
C VAL B 127 -26.91 8.15 -12.60
N SER B 128 -26.92 9.01 -11.59
CA SER B 128 -28.15 9.49 -11.01
C SER B 128 -28.91 10.38 -12.02
N ALA B 129 -28.22 11.29 -12.69
CA ALA B 129 -28.85 12.10 -13.73
C ALA B 129 -29.46 11.26 -14.89
N LEU B 130 -28.76 10.22 -15.34
CA LEU B 130 -29.27 9.39 -16.45
C LEU B 130 -30.54 8.65 -16.06
N GLY B 131 -30.67 8.29 -14.79
CA GLY B 131 -31.89 7.65 -14.32
C GLY B 131 -32.09 6.39 -15.13
N SER B 132 -33.33 6.08 -15.44
CA SER B 132 -33.61 4.90 -16.25
C SER B 132 -33.36 5.15 -17.77
N ALA B 133 -32.77 6.28 -18.15
CA ALA B 133 -32.47 6.50 -19.55
C ALA B 133 -31.25 5.74 -20.04
N ALA B 134 -30.58 4.99 -19.16
CA ALA B 134 -29.36 4.21 -19.50
C ALA B 134 -29.06 3.13 -18.46
N THR B 135 -28.32 2.10 -18.86
CA THR B 135 -27.99 1.03 -17.93
C THR B 135 -26.50 0.79 -17.99
N VAL B 136 -25.88 0.62 -16.81
CA VAL B 136 -24.47 0.28 -16.77
C VAL B 136 -24.31 -1.17 -17.22
N VAL B 137 -23.41 -1.42 -18.16
CA VAL B 137 -23.16 -2.78 -18.64
C VAL B 137 -21.70 -3.16 -18.33
N ASP B 138 -20.86 -2.15 -18.08
CA ASP B 138 -19.55 -2.43 -17.50
C ASP B 138 -19.13 -1.29 -16.58
N GLU B 139 -18.45 -1.69 -15.50
CA GLU B 139 -17.97 -0.74 -14.49
C GLU B 139 -16.66 -1.25 -13.91
N VAL B 140 -15.60 -0.44 -13.99
CA VAL B 140 -14.31 -0.83 -13.42
C VAL B 140 -13.76 0.32 -12.56
N HIS B 141 -13.42 -0.02 -11.34
CA HIS B 141 -12.71 0.89 -10.41
C HIS B 141 -11.24 0.63 -10.48
N GLY B 142 -10.53 1.43 -11.27
CA GLY B 142 -9.10 1.22 -11.43
C GLY B 142 -8.23 1.86 -10.38
N PHE B 143 -7.03 1.32 -10.19
CA PHE B 143 -6.14 1.83 -9.21
C PHE B 143 -4.72 1.65 -9.67
N ARG B 144 -3.89 2.64 -9.36
CA ARG B 144 -2.49 2.59 -9.63
C ARG B 144 -1.85 1.48 -8.81
N TYR B 145 -1.07 0.64 -9.46
CA TYR B 145 -0.43 -0.48 -8.77
C TYR B 145 1.07 -0.24 -8.73
N PHE B 146 1.60 -0.03 -7.52
CA PHE B 146 2.98 0.34 -7.28
C PHE B 146 3.55 1.40 -8.22
N ASP B 147 4.75 1.22 -8.73
CA ASP B 147 5.32 2.23 -9.60
C ASP B 147 4.79 2.14 -11.01
N SER B 148 3.49 2.43 -11.20
CA SER B 148 2.74 2.22 -12.48
C SER B 148 2.90 0.85 -13.18
N ARG B 149 2.87 -0.23 -12.39
CA ARG B 149 2.91 -1.55 -12.97
C ARG B 149 1.48 -1.98 -13.18
N ASP B 150 1.31 -2.99 -14.01
CA ASP B 150 0.03 -3.68 -14.11
C ASP B 150 0.12 -4.93 -13.26
N LEU B 151 -0.99 -5.62 -13.03
CA LEU B 151 -0.92 -6.85 -12.21
C LEU B 151 0.06 -7.98 -12.69
N LEU B 152 0.53 -7.93 -13.94
CA LEU B 152 1.58 -8.85 -14.38
C LEU B 152 2.95 -8.49 -13.86
N GLY B 153 3.06 -7.31 -13.27
CA GLY B 153 4.26 -6.92 -12.53
C GLY B 153 5.22 -6.08 -13.33
N PHE B 154 4.78 -5.63 -14.49
CA PHE B 154 5.60 -4.82 -15.36
C PHE B 154 5.15 -3.40 -15.41
N VAL B 155 6.10 -2.49 -15.55
CA VAL B 155 5.79 -1.09 -15.72
C VAL B 155 5.07 -0.93 -17.05
N ASP B 156 3.98 -0.20 -16.99
CA ASP B 156 3.06 -0.25 -18.10
C ASP B 156 2.58 1.17 -18.32
N GLY B 157 2.80 1.66 -19.53
CA GLY B 157 2.35 2.98 -19.97
C GLY B 157 3.56 3.67 -20.53
N THR B 158 4.74 3.06 -20.32
CA THR B 158 6.09 3.66 -20.60
C THR B 158 6.21 4.46 -21.89
N GLU B 159 6.13 3.76 -23.03
CA GLU B 159 6.39 4.33 -24.37
C GLU B 159 5.27 5.21 -24.95
N ASN B 160 4.17 5.36 -24.20
CA ASN B 160 3.18 6.40 -24.46
C ASN B 160 3.81 7.68 -24.90
N PRO B 161 3.28 8.29 -25.99
CA PRO B 161 3.74 9.63 -26.35
C PRO B 161 3.38 10.71 -25.30
N THR B 162 4.15 11.80 -25.33
CA THR B 162 3.94 12.93 -24.44
C THR B 162 4.07 14.20 -25.27
N ASP B 163 3.47 15.28 -24.75
CA ASP B 163 3.54 16.61 -25.34
C ASP B 163 2.82 16.65 -26.68
N ASP B 164 3.53 17.20 -27.67
CA ASP B 164 3.03 17.37 -29.04
C ASP B 164 2.76 16.05 -29.75
N ASP B 165 3.71 15.10 -29.62
CA ASP B 165 3.57 13.74 -30.17
C ASP B 165 2.27 13.11 -29.75
N ALA B 166 1.93 13.25 -28.46
CA ALA B 166 0.67 12.78 -27.92
C ALA B 166 -0.53 13.44 -28.61
N ALA B 167 -0.55 14.77 -28.64
CA ALA B 167 -1.67 15.45 -29.27
C ALA B 167 -1.88 14.95 -30.69
N ASP B 168 -0.77 14.84 -31.44
CA ASP B 168 -0.79 14.43 -32.84
C ASP B 168 -1.26 13.00 -33.00
N SER B 169 -0.78 12.10 -32.13
CA SER B 169 -1.26 10.73 -32.11
C SER B 169 -2.76 10.57 -31.85
N ALA B 170 -3.30 11.37 -30.91
CA ALA B 170 -4.60 11.05 -30.32
C ALA B 170 -5.80 11.88 -30.79
N LEU B 171 -5.54 13.06 -31.32
CA LEU B 171 -6.62 13.99 -31.66
C LEU B 171 -6.80 14.18 -33.17
N ILE B 172 -8.05 14.16 -33.61
CA ILE B 172 -8.41 14.42 -35.01
C ILE B 172 -7.98 15.81 -35.43
N GLY B 173 -7.23 15.91 -36.53
CA GLY B 173 -6.86 17.22 -37.13
C GLY B 173 -7.53 17.57 -38.46
N ASP B 174 -6.73 18.16 -39.36
CA ASP B 174 -7.14 18.56 -40.74
C ASP B 174 -7.82 17.47 -41.54
N GLU B 175 -7.33 16.24 -41.43
CA GLU B 175 -7.97 15.07 -42.05
C GLU B 175 -9.49 14.99 -41.89
N ASP B 176 -10.05 15.49 -40.78
CA ASP B 176 -11.51 15.41 -40.60
C ASP B 176 -12.02 16.66 -39.86
N PRO B 177 -11.93 17.81 -40.52
CA PRO B 177 -11.95 19.11 -39.84
C PRO B 177 -13.24 19.38 -39.09
N ASP B 178 -14.34 18.78 -39.53
CA ASP B 178 -15.60 18.86 -38.79
C ASP B 178 -15.58 18.34 -37.36
N PHE B 179 -14.51 17.65 -37.00
CA PHE B 179 -14.42 16.98 -35.70
C PHE B 179 -13.02 17.13 -35.12
N ARG B 180 -12.30 18.14 -35.60
CA ARG B 180 -10.98 18.47 -35.10
C ARG B 180 -11.05 18.47 -33.56
N GLY B 181 -9.98 18.03 -32.89
CA GLY B 181 -9.96 17.91 -31.43
C GLY B 181 -10.67 16.70 -30.78
N GLY B 182 -11.41 15.92 -31.56
CA GLY B 182 -11.92 14.65 -31.05
C GLY B 182 -10.90 13.50 -31.09
N SER B 183 -11.38 12.29 -30.76
CA SER B 183 -10.54 11.08 -30.74
C SER B 183 -11.43 9.83 -30.90
N TYR B 184 -10.76 8.69 -31.08
CA TYR B 184 -11.43 7.40 -31.10
C TYR B 184 -10.81 6.62 -29.97
N VAL B 185 -11.66 6.13 -29.08
CA VAL B 185 -11.15 5.37 -27.98
C VAL B 185 -11.70 3.96 -28.03
N ILE B 186 -10.79 3.01 -27.80
CA ILE B 186 -11.13 1.59 -27.62
C ILE B 186 -10.79 1.12 -26.18
N VAL B 187 -11.76 0.45 -25.56
CA VAL B 187 -11.57 -0.18 -24.27
C VAL B 187 -11.74 -1.72 -24.33
N GLN B 188 -10.97 -2.43 -23.52
CA GLN B 188 -11.09 -3.87 -23.34
C GLN B 188 -10.75 -4.17 -21.89
N LYS B 189 -11.62 -4.92 -21.23
CA LYS B 189 -11.34 -5.30 -19.86
C LYS B 189 -10.68 -6.67 -19.88
N TYR B 190 -9.39 -6.76 -19.52
CA TYR B 190 -8.69 -8.08 -19.54
C TYR B 190 -8.62 -8.75 -18.18
N LEU B 191 -8.83 -10.06 -18.15
CA LEU B 191 -8.60 -10.85 -16.93
C LEU B 191 -7.39 -11.75 -17.10
N HIS B 192 -6.58 -11.81 -16.06
CA HIS B 192 -5.32 -12.53 -16.11
C HIS B 192 -5.39 -13.86 -15.44
N ASP B 193 -4.52 -14.77 -15.89
CA ASP B 193 -4.34 -16.08 -15.26
C ASP B 193 -3.06 -16.06 -14.41
N MET B 194 -3.24 -15.68 -13.16
CA MET B 194 -2.07 -15.40 -12.35
C MET B 194 -1.20 -16.61 -12.13
N SER B 195 -1.80 -17.79 -11.90
CA SER B 195 -0.92 -18.96 -11.65
C SER B 195 -0.24 -19.42 -12.90
N ALA B 196 -0.91 -19.32 -14.06
CA ALA B 196 -0.20 -19.65 -15.30
C ALA B 196 1.02 -18.72 -15.46
N TRP B 197 0.77 -17.42 -15.34
CA TRP B 197 1.82 -16.44 -15.48
C TRP B 197 2.91 -16.63 -14.48
N ASN B 198 2.58 -17.06 -13.24
CA ASN B 198 3.65 -17.22 -12.21
C ASN B 198 4.54 -18.43 -12.42
N THR B 199 4.09 -19.38 -13.24
CA THR B 199 4.90 -20.57 -13.54
C THR B 199 6.02 -20.17 -14.48
N LEU B 200 5.85 -19.10 -15.24
CA LEU B 200 6.97 -18.61 -16.07
C LEU B 200 8.10 -18.08 -15.16
N SER B 201 9.29 -17.95 -15.71
CA SER B 201 10.39 -17.31 -15.02
C SER B 201 10.36 -15.84 -15.47
N THR B 202 11.09 -15.00 -14.73
CA THR B 202 11.22 -13.60 -15.06
C THR B 202 11.67 -13.44 -16.50
N GLU B 203 12.73 -14.14 -16.88
CA GLU B 203 13.34 -13.97 -18.20
C GLU B 203 12.32 -14.26 -19.31
N GLU B 204 11.42 -15.22 -19.07
CA GLU B 204 10.40 -15.59 -20.06
C GLU B 204 9.33 -14.54 -20.18
N GLN B 205 8.89 -14.06 -19.01
CA GLN B 205 7.97 -12.96 -18.91
C GLN B 205 8.55 -11.80 -19.70
N GLU B 206 9.82 -11.47 -19.46
CA GLU B 206 10.45 -10.40 -20.22
C GLU B 206 10.35 -10.64 -21.73
N ARG B 207 10.54 -11.90 -22.17
CA ARG B 207 10.47 -12.21 -23.60
C ARG B 207 9.04 -12.01 -24.13
N VAL B 208 8.01 -12.33 -23.31
CA VAL B 208 6.61 -12.05 -23.67
C VAL B 208 6.37 -10.55 -23.91
N ILE B 209 6.86 -9.73 -22.99
CA ILE B 209 6.59 -8.29 -22.99
C ILE B 209 7.48 -7.57 -24.00
N GLY B 210 8.77 -7.78 -23.84
CA GLY B 210 9.76 -7.04 -24.61
C GLY B 210 10.63 -6.08 -23.81
N ARG B 211 10.52 -6.13 -22.47
CA ARG B 211 11.30 -5.21 -21.57
C ARG B 211 11.70 -5.98 -20.33
N THR B 212 12.81 -5.60 -19.69
CA THR B 212 13.17 -6.22 -18.40
C THR B 212 12.11 -5.88 -17.33
N LYS B 213 11.94 -6.76 -16.35
CA LYS B 213 10.80 -6.61 -15.42
C LYS B 213 11.02 -5.48 -14.38
N LEU B 214 11.94 -5.67 -13.43
CA LEU B 214 12.19 -4.61 -12.46
C LEU B 214 12.57 -3.26 -13.09
N GLU B 215 13.55 -3.26 -14.00
CA GLU B 215 14.14 -2.03 -14.46
C GLU B 215 13.39 -1.41 -15.62
N ASN B 216 12.43 -2.12 -16.21
CA ASN B 216 11.64 -1.55 -17.34
C ASN B 216 12.50 -1.07 -18.55
N VAL B 217 13.64 -1.74 -18.77
CA VAL B 217 14.54 -1.40 -19.89
C VAL B 217 14.17 -2.25 -21.11
N GLU B 218 14.14 -1.62 -22.28
CA GLU B 218 13.81 -2.34 -23.51
C GLU B 218 14.90 -3.37 -23.85
N LEU B 219 14.48 -4.55 -24.30
CA LEU B 219 15.46 -5.56 -24.73
C LEU B 219 16.03 -5.13 -26.07
N ASP B 220 17.27 -5.50 -26.36
CA ASP B 220 17.87 -5.09 -27.65
C ASP B 220 17.33 -5.98 -28.77
N ASP B 221 17.43 -5.44 -29.99
CA ASP B 221 16.89 -6.08 -31.21
C ASP B 221 17.11 -7.60 -31.23
N ASP B 222 18.37 -8.00 -31.09
CA ASP B 222 18.77 -9.40 -31.12
C ASP B 222 18.19 -10.27 -30.03
N ALA B 223 17.77 -9.70 -28.89
CA ALA B 223 17.14 -10.53 -27.83
C ALA B 223 15.61 -10.41 -27.82
N GLN B 224 15.10 -9.62 -28.76
CA GLN B 224 13.71 -9.18 -28.77
C GLN B 224 12.86 -10.08 -29.68
N PRO B 225 12.12 -11.06 -29.10
CA PRO B 225 11.26 -11.96 -29.92
C PRO B 225 10.37 -11.21 -30.90
N SER B 226 10.16 -11.79 -32.06
CA SER B 226 9.31 -11.17 -33.08
C SER B 226 7.84 -11.08 -32.62
N ASN B 227 7.46 -11.93 -31.67
CA ASN B 227 6.09 -11.89 -31.12
C ASN B 227 6.04 -11.32 -29.65
N SER B 228 7.09 -10.60 -29.24
CA SER B 228 6.97 -9.81 -28.03
C SER B 228 5.82 -8.78 -28.25
N HIS B 229 5.05 -8.57 -27.18
CA HIS B 229 4.04 -7.53 -27.12
C HIS B 229 4.57 -6.21 -27.64
N VAL B 230 5.77 -5.83 -27.22
CA VAL B 230 6.34 -4.60 -27.78
C VAL B 230 6.55 -4.63 -29.29
N THR B 231 7.12 -5.71 -29.82
CA THR B 231 7.32 -5.83 -31.26
C THR B 231 5.98 -5.76 -32.00
N LEU B 232 5.02 -6.54 -31.55
CA LEU B 232 3.75 -6.60 -32.23
C LEU B 232 3.00 -5.27 -32.24
N ASN B 233 3.18 -4.48 -31.18
CA ASN B 233 2.45 -3.23 -31.05
C ASN B 233 3.18 -1.99 -31.54
N THR B 234 4.32 -2.21 -32.20
CA THR B 234 5.07 -1.19 -32.93
C THR B 234 4.49 -1.11 -34.34
N ILE B 235 3.96 0.04 -34.71
CA ILE B 235 3.38 0.24 -36.03
C ILE B 235 4.21 1.22 -36.86
N VAL B 236 4.81 0.72 -37.91
CA VAL B 236 5.65 1.52 -38.79
C VAL B 236 5.10 1.30 -40.19
N ASP B 237 4.71 2.38 -40.89
CA ASP B 237 4.22 2.21 -42.26
C ASP B 237 5.38 1.99 -43.28
N ASP B 238 5.03 1.83 -44.56
CA ASP B 238 6.01 1.58 -45.63
C ASP B 238 6.99 2.75 -45.79
N ASP B 239 6.45 3.97 -45.82
CA ASP B 239 7.24 5.19 -45.63
C ASP B 239 8.27 5.16 -44.49
N GLY B 240 8.13 4.19 -43.59
CA GLY B 240 8.97 4.15 -42.37
C GLY B 240 8.55 5.17 -41.31
N VAL B 241 7.30 5.64 -41.41
CA VAL B 241 6.67 6.57 -40.44
C VAL B 241 5.95 5.80 -39.30
N GLU B 242 6.35 6.10 -38.06
CA GLU B 242 5.77 5.48 -36.85
C GLU B 242 4.36 6.02 -36.47
N HIS B 243 3.46 5.13 -36.08
CA HIS B 243 2.14 5.55 -35.60
C HIS B 243 1.87 5.06 -34.20
N ASP B 244 1.58 5.98 -33.28
CA ASP B 244 1.41 5.62 -31.90
C ASP B 244 0.00 5.81 -31.49
N ILE B 245 -0.36 5.21 -30.35
CA ILE B 245 -1.60 5.54 -29.66
C ILE B 245 -1.32 6.04 -28.24
N LEU B 246 -2.36 6.57 -27.57
CA LEU B 246 -2.31 7.05 -26.18
C LEU B 246 -3.09 6.10 -25.26
N ARG B 247 -2.35 5.40 -24.42
CA ARG B 247 -2.89 4.29 -23.64
C ARG B 247 -3.02 4.68 -22.19
N ASP B 248 -3.95 4.07 -21.49
CA ASP B 248 -4.14 4.55 -20.16
C ASP B 248 -4.48 3.49 -19.18
N HIS B 249 -4.20 2.20 -19.47
CA HIS B 249 -4.26 1.10 -18.47
C HIS B 249 -4.55 1.45 -16.96
N MET B 250 -5.36 0.67 -16.25
CA MET B 250 -5.32 0.63 -14.79
C MET B 250 -5.58 -0.80 -14.34
N ALA B 251 -5.05 -1.15 -13.18
CA ALA B 251 -5.24 -2.40 -12.53
C ALA B 251 -6.58 -2.38 -11.85
N PHE B 252 -7.16 -3.55 -11.65
CA PHE B 252 -8.40 -3.73 -10.92
C PHE B 252 -8.53 -5.21 -10.54
N GLY B 253 -9.47 -5.52 -9.67
CA GLY B 253 -9.70 -6.90 -9.34
C GLY B 253 -10.48 -7.11 -8.05
N SER B 254 -10.65 -8.38 -7.72
CA SER B 254 -11.44 -8.79 -6.60
C SER B 254 -10.76 -10.06 -6.12
N LEU B 255 -10.39 -10.12 -4.84
CA LEU B 255 -9.56 -11.20 -4.31
C LEU B 255 -10.33 -12.51 -4.16
N GLY B 256 -11.58 -12.42 -3.72
CA GLY B 256 -12.47 -13.56 -3.52
C GLY B 256 -12.80 -14.28 -4.81
N GLU B 257 -13.01 -13.52 -5.89
CA GLU B 257 -13.38 -14.08 -7.19
C GLU B 257 -12.14 -14.52 -7.97
N ALA B 258 -10.96 -14.41 -7.34
CA ALA B 258 -9.67 -14.49 -8.03
C ALA B 258 -9.65 -13.71 -9.37
N GLU B 259 -10.20 -12.51 -9.40
CA GLU B 259 -10.06 -11.67 -10.59
C GLU B 259 -8.94 -10.65 -10.46
N TYR B 260 -7.96 -10.77 -11.34
CA TYR B 260 -6.87 -9.83 -11.44
C TYR B 260 -6.87 -9.26 -12.86
N GLY B 261 -7.09 -7.95 -12.97
CA GLY B 261 -7.29 -7.34 -14.27
C GLY B 261 -6.38 -6.21 -14.70
N THR B 262 -6.33 -6.03 -16.02
CA THR B 262 -5.85 -4.80 -16.62
C THR B 262 -6.99 -4.27 -17.46
N TYR B 263 -7.38 -3.01 -17.20
CA TYR B 263 -8.34 -2.32 -18.04
C TYR B 263 -7.56 -1.56 -19.11
N PHE B 264 -7.75 -1.97 -20.37
CA PHE B 264 -7.09 -1.30 -21.45
C PHE B 264 -7.95 -0.18 -22.00
N ILE B 265 -7.33 0.95 -22.33
CA ILE B 265 -8.05 2.05 -22.97
C ILE B 265 -7.04 2.79 -23.84
N GLY B 266 -7.29 2.82 -25.16
CA GLY B 266 -6.35 3.45 -26.12
C GLY B 266 -7.05 4.55 -26.89
N TYR B 267 -6.41 5.70 -27.02
CA TYR B 267 -6.99 6.77 -27.82
C TYR B 267 -6.18 6.93 -29.10
N ALA B 268 -6.87 7.22 -30.21
CA ALA B 268 -6.15 7.45 -31.48
C ALA B 268 -6.88 8.44 -32.35
N LYS B 269 -6.15 9.17 -33.21
CA LYS B 269 -6.80 10.07 -34.19
C LYS B 269 -7.54 9.32 -35.26
N ASP B 270 -7.08 8.10 -35.47
CA ASP B 270 -7.68 7.18 -36.40
C ASP B 270 -7.59 5.86 -35.69
N PRO B 271 -8.74 5.17 -35.48
CA PRO B 271 -8.77 3.87 -34.80
C PRO B 271 -8.14 2.75 -35.61
N ALA B 272 -7.77 3.06 -36.86
CA ALA B 272 -7.12 2.08 -37.73
C ALA B 272 -5.80 1.67 -37.09
N VAL B 273 -5.14 2.63 -36.40
CA VAL B 273 -3.85 2.36 -35.75
C VAL B 273 -4.03 1.38 -34.61
N THR B 274 -5.10 1.55 -33.83
CA THR B 274 -5.38 0.68 -32.70
C THR B 274 -5.80 -0.68 -33.19
N GLU B 275 -6.66 -0.68 -34.21
CA GLU B 275 -7.21 -1.93 -34.79
C GLU B 275 -6.15 -2.84 -35.38
N LEU B 276 -5.15 -2.24 -36.01
CA LEU B 276 -4.00 -2.96 -36.53
C LEU B 276 -3.13 -3.57 -35.44
N MET B 277 -2.87 -2.80 -34.39
CA MET B 277 -2.22 -3.29 -33.16
C MET B 277 -2.92 -4.53 -32.68
N LEU B 278 -4.25 -4.47 -32.63
CA LEU B 278 -5.00 -5.61 -32.17
C LEU B 278 -4.88 -6.81 -33.12
N ARG B 279 -4.79 -6.54 -34.43
CA ARG B 279 -4.64 -7.63 -35.40
C ARG B 279 -3.29 -8.30 -35.23
N ARG B 280 -2.24 -7.49 -35.24
CA ARG B 280 -0.95 -8.05 -34.97
C ARG B 280 -0.94 -8.83 -33.66
N MET B 281 -1.71 -8.38 -32.67
CA MET B 281 -1.69 -9.06 -31.36
C MET B 281 -2.40 -10.39 -31.46
N PHE B 282 -3.65 -10.35 -31.92
CA PHE B 282 -4.50 -11.53 -31.93
C PHE B 282 -4.21 -12.44 -33.13
N LEU B 283 -4.11 -11.88 -34.32
CA LEU B 283 -3.82 -12.70 -35.50
C LEU B 283 -2.31 -12.92 -35.79
N GLY B 284 -1.43 -12.16 -35.16
CA GLY B 284 0.02 -12.44 -35.27
C GLY B 284 0.67 -11.86 -36.51
N GLU B 285 1.98 -11.63 -36.47
CA GLU B 285 2.70 -11.18 -37.66
C GLU B 285 4.15 -11.70 -37.60
N PRO B 286 4.53 -12.57 -38.58
CA PRO B 286 3.65 -13.13 -39.65
C PRO B 286 2.47 -13.91 -39.07
N PRO B 287 1.44 -14.19 -39.90
CA PRO B 287 0.21 -14.85 -39.39
C PRO B 287 0.44 -16.03 -38.44
N GLY B 288 -0.30 -16.05 -37.34
CA GLY B 288 -0.20 -17.07 -36.31
C GLY B 288 0.86 -16.77 -35.24
N ASN B 289 1.78 -15.84 -35.55
CA ASN B 289 2.83 -15.40 -34.60
C ASN B 289 2.24 -14.36 -33.63
N TYR B 290 1.33 -14.79 -32.77
CA TYR B 290 0.59 -13.88 -31.92
C TYR B 290 1.31 -13.50 -30.60
N ASP B 291 0.68 -12.56 -29.89
CA ASP B 291 1.21 -11.91 -28.71
C ASP B 291 0.92 -12.79 -27.55
N ARG B 292 1.98 -13.31 -26.95
CA ARG B 292 1.82 -14.24 -25.86
C ARG B 292 1.27 -13.63 -24.58
N VAL B 293 1.19 -12.29 -24.50
CA VAL B 293 0.44 -11.68 -23.38
C VAL B 293 -0.95 -12.35 -23.35
N LEU B 294 -1.51 -12.58 -24.54
CA LEU B 294 -2.84 -13.16 -24.67
C LEU B 294 -2.95 -14.60 -24.12
N ASP B 295 -1.81 -15.25 -23.88
CA ASP B 295 -1.83 -16.56 -23.21
C ASP B 295 -2.21 -16.39 -21.75
N PHE B 296 -2.20 -15.15 -21.28
CA PHE B 296 -2.29 -14.92 -19.85
C PHE B 296 -3.30 -13.83 -19.59
N SER B 297 -3.95 -13.36 -20.65
CA SER B 297 -4.86 -12.28 -20.50
C SER B 297 -6.03 -12.51 -21.42
N THR B 298 -7.23 -12.57 -20.84
CA THR B 298 -8.39 -12.75 -21.65
C THR B 298 -9.35 -11.52 -21.67
N ALA B 299 -9.59 -10.98 -22.86
CA ALA B 299 -10.50 -9.83 -23.00
C ALA B 299 -11.97 -10.21 -22.76
N ALA B 300 -12.61 -9.60 -21.78
CA ALA B 300 -14.03 -9.82 -21.55
C ALA B 300 -14.92 -8.77 -22.23
N THR B 301 -14.33 -7.68 -22.74
CA THR B 301 -15.11 -6.63 -23.40
C THR B 301 -14.26 -6.06 -24.52
N GLY B 302 -14.89 -5.33 -25.43
CA GLY B 302 -14.21 -4.65 -26.53
C GLY B 302 -15.27 -3.75 -27.16
N THR B 303 -15.03 -2.44 -27.11
CA THR B 303 -16.02 -1.45 -27.56
C THR B 303 -15.28 -0.26 -28.02
N LEU B 304 -15.77 0.36 -29.09
CA LEU B 304 -15.16 1.55 -29.65
C LEU B 304 -16.11 2.74 -29.44
N PHE B 305 -15.56 3.93 -29.19
CA PHE B 305 -16.41 5.12 -28.99
C PHE B 305 -15.78 6.29 -29.67
N PHE B 306 -16.63 7.22 -30.10
CA PHE B 306 -16.13 8.50 -30.58
C PHE B 306 -16.10 9.44 -29.40
N VAL B 307 -14.98 10.12 -29.26
CA VAL B 307 -14.77 11.15 -28.26
C VAL B 307 -14.89 12.49 -28.97
N PRO B 308 -16.06 13.11 -28.86
CA PRO B 308 -16.24 14.43 -29.41
C PRO B 308 -15.39 15.46 -28.69
N SER B 309 -14.86 16.43 -29.42
CA SER B 309 -14.34 17.64 -28.80
C SER B 309 -15.46 18.28 -27.93
N ARG B 310 -15.05 19.20 -27.06
CA ARG B 310 -16.01 19.91 -26.21
C ARG B 310 -17.12 20.58 -27.02
N ASP B 311 -16.74 21.41 -28.02
CA ASP B 311 -17.73 22.12 -28.85
C ASP B 311 -18.72 21.13 -29.37
N VAL B 312 -18.22 20.07 -30.02
CA VAL B 312 -19.14 19.04 -30.53
C VAL B 312 -19.97 18.41 -29.40
N LEU B 313 -19.34 18.11 -28.26
CA LEU B 313 -20.09 17.47 -27.17
C LEU B 313 -21.26 18.31 -26.67
N GLU B 314 -21.03 19.63 -26.56
CA GLU B 314 -22.04 20.57 -26.05
C GLU B 314 -23.33 20.64 -26.90
N SER B 315 -23.20 20.37 -28.20
CA SER B 315 -24.31 20.42 -29.18
C SER B 315 -25.26 19.26 -29.24
N LEU B 316 -24.88 18.09 -28.72
CA LEU B 316 -25.81 16.97 -28.77
C LEU B 316 -27.08 17.25 -27.93
N GLY B 317 -28.21 16.66 -28.29
CA GLY B 317 -28.48 16.10 -29.62
C GLY B 317 -28.67 17.15 -30.71
N ASP B 318 -29.35 18.28 -30.44
CA ASP B 318 -30.03 18.59 -29.13
C ASP B 318 -31.55 18.58 -29.23
N ALA C 9 10.14 10.40 19.30
CA ALA C 9 11.43 11.18 19.44
C ALA C 9 11.65 12.25 18.33
N ARG C 10 11.22 13.51 18.56
CA ARG C 10 11.54 14.60 17.63
C ARG C 10 12.77 15.40 18.07
N LEU C 11 13.78 15.49 17.21
CA LEU C 11 15.00 16.27 17.46
C LEU C 11 15.82 15.88 18.72
N ALA C 12 15.91 14.57 18.96
CA ALA C 12 16.74 14.00 20.03
C ALA C 12 17.91 13.20 19.45
N PRO C 13 19.11 13.40 20.05
CA PRO C 13 20.26 12.57 19.62
C PRO C 13 20.03 11.16 20.12
N GLN C 14 20.68 10.18 19.52
CA GLN C 14 20.57 8.77 20.01
C GLN C 14 19.13 8.18 19.88
N ALA C 15 18.42 8.62 18.84
CA ALA C 15 17.14 8.07 18.42
C ALA C 15 17.41 6.90 17.51
N VAL C 16 17.82 5.79 18.11
CA VAL C 16 18.18 4.60 17.39
C VAL C 16 16.95 4.04 16.64
N LEU C 17 15.78 4.16 17.25
CA LEU C 17 14.56 3.57 16.70
C LEU C 17 13.80 4.33 15.56
N THR C 18 14.42 5.25 14.85
CA THR C 18 13.72 6.01 13.81
C THR C 18 13.46 5.19 12.53
N PRO C 19 12.31 5.42 11.85
CA PRO C 19 12.00 4.67 10.62
C PRO C 19 12.90 5.09 9.49
N PRO C 20 12.83 4.44 8.34
CA PRO C 20 13.79 4.82 7.29
C PRO C 20 13.45 6.19 6.62
N SER C 21 14.38 6.73 5.87
CA SER C 21 14.32 8.11 5.44
C SER C 21 14.75 8.24 3.99
N ALA C 22 14.36 9.33 3.34
CA ALA C 22 14.71 9.53 1.94
C ALA C 22 16.20 9.75 1.79
N ALA C 23 16.86 10.18 2.87
CA ALA C 23 18.25 10.67 2.83
C ALA C 23 18.99 10.35 4.10
N SER C 24 20.29 10.07 3.96
CA SER C 24 21.17 9.76 5.09
C SER C 24 22.55 10.33 4.85
N LEU C 25 23.20 10.60 5.95
CA LEU C 25 24.61 10.91 5.92
C LEU C 25 25.37 10.03 6.96
N PHE C 26 26.36 9.26 6.50
CA PHE C 26 27.23 8.51 7.42
C PHE C 26 28.62 9.16 7.43
N LEU C 27 28.98 9.71 8.59
CA LEU C 27 30.28 10.34 8.82
C LEU C 27 31.07 9.53 9.84
N VAL C 28 32.28 9.14 9.45
CA VAL C 28 33.17 8.41 10.35
C VAL C 28 34.46 9.19 10.52
N LEU C 29 34.74 9.57 11.76
CA LEU C 29 35.94 10.38 12.07
C LEU C 29 36.95 9.73 13.04
N VAL C 30 38.25 10.02 12.82
CA VAL C 30 39.28 9.71 13.84
C VAL C 30 39.69 10.96 14.59
N ALA C 31 39.84 10.81 15.91
CA ALA C 31 40.20 11.90 16.84
C ALA C 31 41.70 12.23 16.85
N GLY C 32 42.04 13.52 16.99
CA GLY C 32 43.41 13.92 17.28
C GLY C 32 44.06 13.17 18.46
N ASP C 33 45.35 12.81 18.33
N ASP C 33 45.34 12.84 18.27
CA ASP C 33 46.06 12.15 19.45
CA ASP C 33 46.25 12.25 19.26
C ASP C 33 46.22 13.09 20.64
C ASP C 33 46.31 13.09 20.55
N SER C 34 46.18 14.40 20.39
CA SER C 34 46.27 15.41 21.46
C SER C 34 45.23 15.39 22.62
N ASP C 35 45.47 16.22 23.63
CA ASP C 35 44.60 16.37 24.82
C ASP C 35 43.48 17.37 24.59
N ASP C 36 43.79 18.40 23.80
CA ASP C 36 42.87 19.49 23.47
C ASP C 36 41.85 18.99 22.46
N ASP C 37 42.29 18.03 21.66
CA ASP C 37 41.47 17.36 20.70
C ASP C 37 40.40 16.55 21.44
N ARG C 38 40.84 15.66 22.32
CA ARG C 38 39.94 14.83 23.09
C ARG C 38 38.89 15.67 23.79
N ALA C 39 39.28 16.86 24.25
CA ALA C 39 38.37 17.77 24.94
C ALA C 39 37.35 18.46 24.00
N THR C 40 37.77 18.93 22.82
CA THR C 40 36.76 19.56 21.92
C THR C 40 35.74 18.51 21.41
N VAL C 41 36.25 17.41 20.87
CA VAL C 41 35.46 16.26 20.47
C VAL C 41 34.41 15.91 21.54
N CYS C 42 34.84 15.81 22.79
N CYS C 42 34.86 15.83 22.79
CA CYS C 42 33.90 15.46 23.84
CA CYS C 42 34.00 15.45 23.89
C CYS C 42 32.87 16.54 24.00
C CYS C 42 32.94 16.53 24.12
N ASP C 43 33.30 17.78 23.98
CA ASP C 43 32.34 18.83 24.29
C ASP C 43 31.39 19.05 23.10
N VAL C 44 31.83 18.71 21.88
CA VAL C 44 30.98 18.84 20.68
C VAL C 44 29.91 17.74 20.61
N ILE C 45 30.33 16.50 20.77
CA ILE C 45 29.41 15.40 20.70
C ILE C 45 28.54 15.34 21.94
N SER C 46 28.93 16.04 23.00
CA SER C 46 28.15 15.93 24.23
C SER C 46 27.09 17.01 24.17
N GLY C 47 27.34 18.03 23.36
CA GLY C 47 26.34 19.08 23.07
C GLY C 47 25.75 18.87 21.68
N ILE C 48 25.61 17.60 21.28
CA ILE C 48 25.19 17.30 19.93
C ILE C 48 23.76 17.78 19.60
N ASP C 49 22.87 17.91 20.61
CA ASP C 49 21.50 18.37 20.31
C ASP C 49 21.46 19.82 19.89
N GLY C 50 22.47 20.58 20.26
CA GLY C 50 22.57 21.98 19.86
C GLY C 50 22.46 22.12 18.35
N PRO C 51 23.42 21.58 17.59
CA PRO C 51 23.36 21.63 16.12
C PRO C 51 22.19 20.83 15.53
N LEU C 52 21.83 19.71 16.19
CA LEU C 52 20.65 18.92 15.79
C LEU C 52 19.39 19.80 15.73
N LYS C 53 19.13 20.56 16.79
CA LYS C 53 17.99 21.46 16.79
C LYS C 53 18.28 22.70 15.93
N ALA C 54 19.52 23.14 15.92
CA ALA C 54 19.87 24.33 15.13
C ALA C 54 19.52 24.19 13.63
N VAL C 55 19.78 23.00 13.07
CA VAL C 55 19.36 22.63 11.72
C VAL C 55 17.91 22.14 11.71
N GLY C 56 17.63 21.12 12.54
CA GLY C 56 16.38 20.37 12.48
C GLY C 56 15.13 21.20 12.67
N PHE C 57 15.23 22.22 13.51
CA PHE C 57 14.07 23.06 13.83
C PHE C 57 13.53 23.88 12.65
N ARG C 58 14.35 24.07 11.61
CA ARG C 58 13.96 24.80 10.40
C ARG C 58 13.01 24.04 9.47
N GLU C 59 12.84 22.73 9.68
CA GLU C 59 11.91 21.91 8.93
C GLU C 59 10.68 21.61 9.77
N LEU C 60 9.50 21.95 9.25
CA LEU C 60 8.25 21.76 10.00
C LEU C 60 8.07 20.31 10.45
N ALA C 61 8.30 19.38 9.51
CA ALA C 61 8.18 17.96 9.76
C ALA C 61 9.05 17.46 10.95
N GLY C 62 10.15 18.12 11.26
CA GLY C 62 11.13 17.59 12.21
C GLY C 62 11.53 16.16 11.94
N SER C 63 12.02 15.86 10.73
CA SER C 63 12.46 14.50 10.38
C SER C 63 13.95 14.20 10.66
N LEU C 64 14.72 15.24 10.94
CA LEU C 64 16.17 15.10 11.12
C LEU C 64 16.53 14.36 12.39
N SER C 65 17.36 13.32 12.29
CA SER C 65 17.91 12.71 13.47
C SER C 65 19.42 12.45 13.35
N CYS C 66 20.06 12.29 14.53
CA CYS C 66 21.51 12.15 14.64
C CYS C 66 21.89 11.17 15.74
N VAL C 67 22.46 10.03 15.35
CA VAL C 67 22.94 9.07 16.33
C VAL C 67 24.46 9.18 16.34
N VAL C 68 25.03 9.35 17.54
CA VAL C 68 26.48 9.40 17.75
C VAL C 68 27.07 8.11 18.32
N GLY C 69 28.04 7.58 17.60
CA GLY C 69 28.79 6.40 18.02
C GLY C 69 30.23 6.76 18.37
N VAL C 70 30.76 6.10 19.39
CA VAL C 70 32.12 6.32 19.86
C VAL C 70 32.81 4.98 19.89
N GLY C 71 33.88 4.84 19.11
CA GLY C 71 34.67 3.59 19.07
C GLY C 71 35.41 3.24 20.38
N ALA C 72 35.65 1.95 20.60
CA ALA C 72 36.26 1.47 21.86
C ALA C 72 37.49 2.23 22.33
N GLN C 73 38.42 2.48 21.42
CA GLN C 73 39.67 3.11 21.78
C GLN C 73 39.47 4.52 22.29
N PHE C 74 38.73 5.33 21.55
CA PHE C 74 38.50 6.69 22.00
C PHE C 74 37.69 6.68 23.31
N TRP C 75 36.85 5.68 23.47
CA TRP C 75 36.05 5.62 24.67
C TRP C 75 36.96 5.52 25.88
N ASP C 76 38.04 4.75 25.73
CA ASP C 76 39.04 4.58 26.78
C ASP C 76 39.73 5.91 27.16
N ARG C 77 40.06 6.73 26.16
CA ARG C 77 40.67 8.04 26.37
C ARG C 77 39.84 9.02 27.20
N VAL C 78 38.53 8.79 27.33
CA VAL C 78 37.61 9.75 27.99
C VAL C 78 36.82 9.20 29.20
N SER C 79 37.12 7.95 29.59
CA SER C 79 36.34 7.22 30.57
C SER C 79 37.06 5.91 30.97
N ALA C 80 37.41 5.78 32.26
CA ALA C 80 38.08 4.58 32.83
C ALA C 80 37.09 3.43 33.19
N SER C 81 36.55 3.48 34.41
CA SER C 81 35.19 2.99 34.71
C SER C 81 34.40 4.26 34.41
N SER C 82 33.22 4.13 33.81
N SER C 82 33.20 4.14 33.83
CA SER C 82 32.67 2.87 33.39
CA SER C 82 32.61 2.88 33.39
C SER C 82 32.77 2.65 31.88
C SER C 82 32.87 2.64 31.88
N LYS C 83 32.74 1.38 31.48
CA LYS C 83 32.82 1.00 30.09
C LYS C 83 31.67 -0.01 29.85
N PRO C 84 30.94 0.10 28.74
CA PRO C 84 29.86 -0.91 28.54
C PRO C 84 30.40 -2.33 28.29
N ALA C 85 29.62 -3.32 28.74
CA ALA C 85 30.07 -4.74 28.71
C ALA C 85 30.78 -5.23 27.43
N HIS C 86 30.31 -4.80 26.26
CA HIS C 86 30.75 -5.41 25.00
C HIS C 86 31.47 -4.52 24.03
N LEU C 87 31.85 -3.33 24.47
CA LEU C 87 32.57 -2.44 23.58
C LEU C 87 34.01 -2.93 23.28
N HIS C 88 34.27 -3.24 22.00
CA HIS C 88 35.61 -3.56 21.52
C HIS C 88 35.74 -3.18 20.06
N PRO C 89 36.98 -3.02 19.55
CA PRO C 89 37.05 -2.66 18.12
C PRO C 89 36.49 -3.79 17.25
N PHE C 90 36.06 -3.44 16.05
CA PHE C 90 35.41 -4.39 15.14
C PHE C 90 36.35 -5.55 14.85
N VAL C 91 35.84 -6.77 15.02
CA VAL C 91 36.59 -8.00 14.74
C VAL C 91 36.68 -8.29 13.21
N PRO C 92 37.90 -8.29 12.61
CA PRO C 92 38.06 -8.67 11.17
C PRO C 92 37.73 -10.15 10.88
N LEU C 93 37.40 -10.47 9.63
CA LEU C 93 37.09 -11.84 9.28
C LEU C 93 37.84 -12.30 8.04
N SER C 94 38.42 -13.50 8.14
CA SER C 94 39.16 -14.10 7.04
C SER C 94 38.46 -15.38 6.71
N GLY C 95 37.74 -15.36 5.60
CA GLY C 95 36.88 -16.47 5.20
C GLY C 95 37.52 -17.29 4.10
N PRO C 96 36.92 -18.45 3.80
CA PRO C 96 37.34 -19.29 2.70
C PRO C 96 37.64 -18.45 1.46
N VAL C 97 36.74 -17.54 1.11
CA VAL C 97 36.92 -16.77 -0.12
C VAL C 97 36.96 -15.27 0.14
N HIS C 98 36.24 -14.82 1.18
CA HIS C 98 35.98 -13.40 1.34
C HIS C 98 36.35 -12.85 2.67
N SER C 99 36.71 -11.56 2.71
CA SER C 99 37.23 -10.90 3.90
C SER C 99 36.56 -9.59 4.35
N ALA C 100 36.24 -9.53 5.63
CA ALA C 100 35.68 -8.32 6.19
C ALA C 100 36.78 -7.54 6.93
N PRO C 101 37.28 -6.44 6.34
CA PRO C 101 38.31 -5.67 7.04
C PRO C 101 37.77 -4.89 8.23
N SER C 102 38.67 -4.56 9.14
CA SER C 102 38.34 -3.80 10.33
C SER C 102 39.09 -2.52 10.10
N THR C 103 38.38 -1.39 10.10
CA THR C 103 39.00 -0.13 9.66
C THR C 103 38.83 0.98 10.70
N PRO C 104 39.68 2.03 10.61
CA PRO C 104 39.67 3.01 11.71
C PRO C 104 38.38 3.84 11.82
N GLY C 105 37.98 4.14 13.06
CA GLY C 105 37.03 5.19 13.35
C GLY C 105 36.82 5.34 14.85
N ASP C 106 36.84 6.60 15.30
CA ASP C 106 36.58 6.95 16.70
C ASP C 106 35.15 7.43 16.88
N LEU C 107 34.68 8.21 15.90
CA LEU C 107 33.30 8.74 15.92
C LEU C 107 32.49 8.33 14.70
N LEU C 108 31.22 8.01 14.96
CA LEU C 108 30.20 7.88 13.92
C LEU C 108 29.10 8.90 14.14
N PHE C 109 28.76 9.64 13.09
CA PHE C 109 27.50 10.39 13.05
C PHE C 109 26.64 9.73 12.02
N HIS C 110 25.51 9.17 12.46
CA HIS C 110 24.56 8.55 11.55
C HIS C 110 23.38 9.45 11.43
N ILE C 111 23.26 10.11 10.29
CA ILE C 111 22.31 11.19 10.17
C ILE C 111 21.22 10.87 9.18
N LYS C 112 19.98 11.11 9.57
CA LYS C 112 18.80 10.87 8.70
C LYS C 112 17.89 12.10 8.66
N ALA C 113 17.22 12.30 7.53
CA ALA C 113 16.13 13.28 7.38
C ALA C 113 15.41 13.03 6.05
N ALA C 114 14.34 13.79 5.82
CA ALA C 114 13.51 13.67 4.64
C ALA C 114 14.16 14.38 3.48
N ARG C 115 15.14 15.25 3.78
CA ARG C 115 15.85 16.01 2.71
C ARG C 115 17.37 15.93 2.84
N LYS C 116 18.04 15.89 1.69
CA LYS C 116 19.51 15.90 1.61
C LYS C 116 20.10 17.12 2.33
N ASP C 117 19.53 18.32 2.07
CA ASP C 117 20.10 19.57 2.61
C ASP C 117 20.15 19.56 4.10
N LEU C 118 19.11 19.06 4.75
CA LEU C 118 19.08 18.95 6.20
C LEU C 118 20.26 18.10 6.69
N CYS C 119 20.53 17.01 5.98
CA CYS C 119 21.61 16.13 6.35
C CYS C 119 22.97 16.80 6.23
N PHE C 120 23.18 17.44 5.08
CA PHE C 120 24.43 18.03 4.71
C PHE C 120 24.68 19.18 5.67
N GLU C 121 23.62 19.94 5.98
CA GLU C 121 23.80 21.07 6.88
C GLU C 121 24.18 20.58 8.27
N LEU C 122 23.53 19.54 8.78
CA LEU C 122 23.94 19.06 10.09
C LEU C 122 25.42 18.63 10.03
N GLY C 123 25.80 17.89 8.99
CA GLY C 123 27.18 17.43 8.83
C GLY C 123 28.20 18.56 8.75
N ARG C 124 27.85 19.60 7.99
CA ARG C 124 28.70 20.78 7.89
C ARG C 124 28.96 21.42 9.24
N GLN C 125 27.91 21.54 10.04
CA GLN C 125 28.07 22.15 11.38
C GLN C 125 28.88 21.28 12.33
N ILE C 126 28.78 19.98 12.15
CA ILE C 126 29.43 19.08 13.06
C ILE C 126 30.90 19.16 12.72
N VAL C 127 31.21 19.01 11.45
CA VAL C 127 32.59 18.93 10.97
C VAL C 127 33.33 20.20 11.27
N SER C 128 32.60 21.29 11.19
CA SER C 128 33.13 22.59 11.47
C SER C 128 33.40 22.82 12.98
N ALA C 129 32.44 22.50 13.86
CA ALA C 129 32.71 22.55 15.33
C ALA C 129 33.96 21.75 15.73
N LEU C 130 34.21 20.63 15.06
CA LEU C 130 35.35 19.76 15.36
C LEU C 130 36.68 20.35 14.89
N GLY C 131 36.66 21.10 13.80
CA GLY C 131 37.88 21.69 13.24
C GLY C 131 39.02 20.68 13.09
N SER C 132 40.20 21.03 13.61
CA SER C 132 41.35 20.15 13.42
C SER C 132 41.49 19.06 14.49
N ALA C 133 40.56 19.06 15.47
CA ALA C 133 40.48 17.97 16.48
C ALA C 133 40.06 16.58 15.96
N ALA C 134 39.57 16.48 14.72
CA ALA C 134 39.13 15.20 14.16
C ALA C 134 39.21 15.21 12.64
N THR C 135 39.21 14.03 12.04
CA THR C 135 39.41 13.92 10.61
C THR C 135 38.45 12.89 10.03
N VAL C 136 37.69 13.34 9.04
CA VAL C 136 36.79 12.49 8.30
C VAL C 136 37.61 11.39 7.60
N VAL C 137 37.21 10.14 7.84
CA VAL C 137 37.92 9.00 7.29
C VAL C 137 37.00 8.18 6.34
N ASP C 138 35.68 8.39 6.45
CA ASP C 138 34.67 7.80 5.54
C ASP C 138 33.42 8.70 5.53
N GLU C 139 32.80 8.82 4.36
CA GLU C 139 31.66 9.72 4.18
C GLU C 139 30.74 9.13 3.09
N VAL C 140 29.57 8.65 3.49
CA VAL C 140 28.58 8.23 2.51
C VAL C 140 27.33 9.09 2.59
N HIS C 141 26.87 9.54 1.41
CA HIS C 141 25.56 10.18 1.31
C HIS C 141 24.55 9.18 0.76
N GLY C 142 23.72 8.60 1.61
CA GLY C 142 22.81 7.60 1.12
C GLY C 142 21.49 8.16 0.61
N PHE C 143 20.80 7.33 -0.15
CA PHE C 143 19.52 7.71 -0.69
C PHE C 143 18.64 6.50 -0.85
N ARG C 144 17.34 6.69 -0.65
CA ARG C 144 16.34 5.66 -0.83
C ARG C 144 16.30 5.37 -2.32
N TYR C 145 16.23 4.10 -2.69
CA TYR C 145 16.25 3.73 -4.10
C TYR C 145 14.95 3.01 -4.37
N PHE C 146 14.05 3.72 -5.05
CA PHE C 146 12.68 3.23 -5.28
C PHE C 146 12.08 2.71 -3.99
N ASP C 147 11.35 1.59 -4.04
CA ASP C 147 10.59 1.12 -2.88
C ASP C 147 11.46 0.39 -1.89
N SER C 148 12.36 1.14 -1.24
CA SER C 148 13.35 0.64 -0.27
C SER C 148 14.26 -0.47 -0.81
N ARG C 149 14.66 -0.38 -2.07
CA ARG C 149 15.53 -1.37 -2.66
C ARG C 149 17.00 -0.99 -2.42
N ASP C 150 17.89 -1.98 -2.50
CA ASP C 150 19.34 -1.70 -2.65
C ASP C 150 19.72 -1.73 -4.13
N LEU C 151 20.95 -1.31 -4.42
CA LEU C 151 21.35 -1.30 -5.81
C LEU C 151 21.36 -2.70 -6.45
N LEU C 152 21.28 -3.78 -5.66
CA LEU C 152 21.09 -5.12 -6.22
C LEU C 152 19.65 -5.37 -6.67
N GLY C 153 18.78 -4.41 -6.37
CA GLY C 153 17.39 -4.45 -6.86
C GLY C 153 16.43 -5.19 -5.96
N PHE C 154 16.85 -5.54 -4.76
CA PHE C 154 15.92 -6.20 -3.84
C PHE C 154 15.44 -5.22 -2.83
N VAL C 155 14.19 -5.40 -2.37
CA VAL C 155 13.69 -4.65 -1.21
C VAL C 155 14.50 -5.06 0.00
N ASP C 156 15.05 -4.09 0.71
CA ASP C 156 16.08 -4.38 1.71
C ASP C 156 15.71 -3.65 3.00
N GLY C 157 15.64 -4.41 4.10
CA GLY C 157 15.40 -3.88 5.44
C GLY C 157 14.07 -4.37 5.97
N THR C 158 13.39 -5.19 5.14
CA THR C 158 12.02 -5.77 5.35
C THR C 158 11.77 -6.29 6.76
N GLU C 159 12.53 -7.32 7.13
CA GLU C 159 12.31 -8.11 8.36
C GLU C 159 12.87 -7.47 9.63
N ASN C 160 13.39 -6.24 9.51
CA ASN C 160 13.66 -5.40 10.66
C ASN C 160 12.56 -5.62 11.65
N PRO C 161 12.92 -5.75 12.95
CA PRO C 161 11.83 -5.65 13.93
C PRO C 161 11.32 -4.19 14.02
N THR C 162 10.17 -4.01 14.67
CA THR C 162 9.63 -2.68 14.99
C THR C 162 8.76 -2.67 16.27
N ASP C 163 8.58 -1.45 16.80
CA ASP C 163 7.95 -1.18 18.10
C ASP C 163 8.69 -1.85 19.26
N ASP C 164 8.01 -2.70 20.04
CA ASP C 164 8.68 -3.25 21.22
C ASP C 164 9.80 -4.24 20.88
N ASP C 165 9.53 -5.13 19.94
CA ASP C 165 10.50 -5.95 19.26
C ASP C 165 11.84 -5.26 18.98
N ALA C 166 11.77 -4.03 18.43
CA ALA C 166 12.96 -3.24 18.02
C ALA C 166 13.70 -2.63 19.20
N ALA C 167 12.98 -2.17 20.21
CA ALA C 167 13.64 -1.66 21.40
C ALA C 167 14.40 -2.78 22.15
N ASP C 168 13.82 -3.97 22.27
CA ASP C 168 14.47 -5.10 22.94
C ASP C 168 15.66 -5.59 22.14
N SER C 169 15.55 -5.53 20.82
CA SER C 169 16.65 -5.96 19.99
C SER C 169 17.81 -4.99 19.96
N ALA C 170 17.54 -3.69 19.99
CA ALA C 170 18.58 -2.72 19.73
C ALA C 170 19.17 -2.08 20.98
N LEU C 171 18.36 -1.98 22.02
CA LEU C 171 18.67 -1.17 23.19
C LEU C 171 18.98 -1.96 24.48
N ILE C 172 20.10 -1.64 25.13
CA ILE C 172 20.44 -2.11 26.48
C ILE C 172 19.40 -1.50 27.44
N GLY C 173 18.82 -2.26 28.38
CA GLY C 173 19.18 -3.60 28.77
C GLY C 173 19.43 -3.64 30.30
N ASP C 174 18.52 -4.25 31.06
CA ASP C 174 18.79 -4.54 32.48
C ASP C 174 20.14 -5.25 32.73
N GLU C 175 20.57 -6.01 31.74
CA GLU C 175 21.83 -6.75 31.75
C GLU C 175 23.10 -5.90 31.93
N ASP C 176 23.05 -4.61 31.58
CA ASP C 176 24.19 -3.69 31.73
C ASP C 176 23.67 -2.29 32.10
N PRO C 177 23.14 -2.13 33.31
CA PRO C 177 22.25 -1.02 33.68
C PRO C 177 22.87 0.38 33.74
N ASP C 178 24.19 0.46 33.76
CA ASP C 178 24.85 1.78 33.69
C ASP C 178 24.68 2.43 32.31
N PHE C 179 24.55 1.58 31.29
CA PHE C 179 24.41 2.00 29.89
C PHE C 179 23.06 1.64 29.24
N ARG C 180 22.02 1.60 30.09
CA ARG C 180 20.67 1.35 29.67
C ARG C 180 20.25 2.44 28.69
N GLY C 181 19.65 2.03 27.58
CA GLY C 181 19.23 2.96 26.53
C GLY C 181 20.24 3.12 25.39
N GLY C 182 21.43 2.55 25.58
CA GLY C 182 22.48 2.63 24.57
C GLY C 182 22.38 1.44 23.65
N SER C 183 23.31 1.36 22.70
CA SER C 183 23.31 0.34 21.69
C SER C 183 24.72 0.13 21.11
N TYR C 184 24.88 -0.96 20.40
CA TYR C 184 26.12 -1.19 19.70
C TYR C 184 25.80 -1.21 18.22
N VAL C 185 26.56 -0.41 17.48
CA VAL C 185 26.33 -0.26 16.07
C VAL C 185 27.56 -0.63 15.25
N ILE C 186 27.36 -1.52 14.28
CA ILE C 186 28.38 -1.84 13.29
C ILE C 186 28.01 -1.29 11.89
N VAL C 187 28.99 -0.63 11.26
CA VAL C 187 28.89 -0.16 9.87
C VAL C 187 29.84 -0.89 8.93
N GLN C 188 29.38 -1.12 7.69
CA GLN C 188 30.22 -1.62 6.60
C GLN C 188 29.80 -1.00 5.28
N LYS C 189 30.72 -0.31 4.62
CA LYS C 189 30.50 0.22 3.32
C LYS C 189 30.81 -0.85 2.24
N TYR C 190 29.77 -1.47 1.67
CA TYR C 190 29.90 -2.43 0.55
C TYR C 190 29.86 -1.82 -0.85
N LEU C 191 30.74 -2.30 -1.72
CA LEU C 191 30.66 -1.94 -3.15
C LEU C 191 30.28 -3.19 -3.92
N HIS C 192 29.56 -2.98 -5.02
CA HIS C 192 28.99 -4.13 -5.74
C HIS C 192 29.65 -4.34 -7.07
N ASP C 193 29.67 -5.59 -7.53
CA ASP C 193 30.04 -5.92 -8.89
C ASP C 193 28.76 -6.02 -9.72
N MET C 194 28.35 -4.88 -10.24
CA MET C 194 27.08 -4.82 -10.97
C MET C 194 27.04 -5.79 -12.15
N SER C 195 28.03 -5.70 -13.02
CA SER C 195 28.13 -6.57 -14.22
C SER C 195 28.10 -8.06 -13.87
N ALA C 196 28.86 -8.48 -12.85
CA ALA C 196 28.78 -9.88 -12.45
C ALA C 196 27.37 -10.25 -12.03
N TRP C 197 26.80 -9.43 -11.15
CA TRP C 197 25.46 -9.69 -10.58
C TRP C 197 24.42 -9.76 -11.65
N ASN C 198 24.53 -8.84 -12.61
CA ASN C 198 23.63 -8.90 -13.77
C ASN C 198 23.73 -10.11 -14.70
N THR C 199 24.81 -10.88 -14.61
CA THR C 199 24.87 -12.15 -15.35
C THR C 199 24.09 -13.29 -14.67
N LEU C 200 23.75 -13.16 -13.39
CA LEU C 200 22.77 -14.09 -12.82
C LEU C 200 21.37 -13.80 -13.34
N SER C 201 20.57 -14.84 -13.43
CA SER C 201 19.16 -14.70 -13.69
C SER C 201 18.51 -14.29 -12.38
N THR C 202 17.27 -13.81 -12.48
CA THR C 202 16.48 -13.33 -11.34
C THR C 202 16.44 -14.45 -10.31
N GLU C 203 16.20 -15.67 -10.79
CA GLU C 203 15.96 -16.82 -9.92
C GLU C 203 17.21 -17.20 -9.12
N GLU C 204 18.36 -17.14 -9.79
CA GLU C 204 19.63 -17.33 -9.11
C GLU C 204 19.77 -16.24 -8.05
N GLN C 205 19.60 -14.97 -8.45
CA GLN C 205 19.66 -13.87 -7.50
C GLN C 205 18.78 -14.12 -6.29
N GLU C 206 17.55 -14.59 -6.53
CA GLU C 206 16.61 -14.86 -5.45
C GLU C 206 17.15 -15.94 -4.55
N ARG C 207 17.79 -16.94 -5.15
CA ARG C 207 18.40 -18.03 -4.36
C ARG C 207 19.55 -17.52 -3.47
N VAL C 208 20.35 -16.61 -4.00
CA VAL C 208 21.39 -15.93 -3.23
C VAL C 208 20.82 -15.14 -2.03
N ILE C 209 19.65 -14.51 -2.23
CA ILE C 209 19.12 -13.60 -1.23
C ILE C 209 18.30 -14.33 -0.19
N GLY C 210 17.27 -15.03 -0.64
CA GLY C 210 16.31 -15.75 0.23
C GLY C 210 14.86 -15.30 0.01
N ARG C 211 14.67 -14.32 -0.89
CA ARG C 211 13.33 -13.78 -1.13
C ARG C 211 13.12 -13.55 -2.61
N THR C 212 11.87 -13.46 -3.05
CA THR C 212 11.66 -13.09 -4.46
C THR C 212 12.02 -11.61 -4.74
N LYS C 213 12.30 -11.28 -6.00
CA LYS C 213 12.85 -9.97 -6.34
C LYS C 213 11.84 -8.83 -6.40
N LEU C 214 10.95 -8.83 -7.38
CA LEU C 214 9.88 -7.80 -7.44
C LEU C 214 8.97 -7.88 -6.20
N GLU C 215 8.43 -9.07 -5.90
CA GLU C 215 7.29 -9.18 -4.99
C GLU C 215 7.78 -9.21 -3.51
N ASN C 216 9.10 -9.25 -3.32
CA ASN C 216 9.68 -9.29 -1.95
C ASN C 216 9.09 -10.34 -0.95
N VAL C 217 8.73 -11.53 -1.43
CA VAL C 217 8.19 -12.63 -0.58
C VAL C 217 9.29 -13.64 -0.23
N GLU C 218 9.31 -14.07 1.04
CA GLU C 218 10.28 -15.09 1.51
C GLU C 218 10.08 -16.41 0.75
N LEU C 219 11.17 -17.02 0.30
CA LEU C 219 11.05 -18.35 -0.32
C LEU C 219 10.62 -19.36 0.75
N ASP C 220 9.79 -20.34 0.35
CA ASP C 220 9.40 -21.49 1.22
C ASP C 220 10.58 -22.25 1.79
N ASP C 221 10.43 -22.74 3.02
CA ASP C 221 11.49 -23.51 3.70
C ASP C 221 12.10 -24.59 2.79
N ASP C 222 11.23 -25.33 2.09
CA ASP C 222 11.66 -26.41 1.22
C ASP C 222 12.19 -25.94 -0.15
N ALA C 223 12.78 -24.75 -0.22
CA ALA C 223 13.16 -24.08 -1.49
C ALA C 223 14.21 -23.00 -1.21
N GLN C 224 14.44 -22.78 0.07
CA GLN C 224 15.29 -21.74 0.60
C GLN C 224 16.74 -22.23 0.84
N PRO C 225 17.68 -21.87 -0.09
CA PRO C 225 19.07 -22.38 -0.02
C PRO C 225 19.74 -22.17 1.36
N SER C 226 20.46 -23.18 1.84
CA SER C 226 21.04 -23.16 3.17
C SER C 226 22.13 -22.07 3.29
N ASN C 227 22.64 -21.63 2.13
CA ASN C 227 23.59 -20.53 2.09
C ASN C 227 22.99 -19.18 1.59
N SER C 228 21.65 -19.08 1.59
CA SER C 228 21.04 -17.80 1.25
C SER C 228 21.33 -16.82 2.38
N HIS C 229 21.42 -15.54 2.00
CA HIS C 229 21.59 -14.45 2.92
C HIS C 229 20.56 -14.48 4.04
N VAL C 230 19.28 -14.68 3.72
CA VAL C 230 18.23 -14.72 4.75
C VAL C 230 18.57 -15.82 5.75
N THR C 231 19.06 -16.97 5.25
CA THR C 231 19.30 -18.14 6.08
C THR C 231 20.49 -17.91 6.99
N LEU C 232 21.59 -17.51 6.38
CA LEU C 232 22.78 -17.21 7.14
C LEU C 232 22.54 -16.13 8.21
N ASN C 233 21.54 -15.25 7.99
CA ASN C 233 21.31 -14.13 8.92
C ASN C 233 20.16 -14.33 9.90
N THR C 234 19.59 -15.55 9.90
CA THR C 234 18.62 -15.93 10.92
C THR C 234 19.40 -16.49 12.11
N ILE C 235 19.12 -15.98 13.31
CA ILE C 235 19.85 -16.37 14.51
C ILE C 235 18.91 -16.95 15.55
N VAL C 236 18.99 -18.26 15.72
CA VAL C 236 18.27 -18.97 16.79
C VAL C 236 19.27 -19.61 17.80
N ASP C 237 19.07 -19.36 19.09
CA ASP C 237 19.93 -19.97 20.11
C ASP C 237 19.41 -21.38 20.45
N ASP C 238 20.10 -22.05 21.38
CA ASP C 238 19.74 -23.39 21.85
C ASP C 238 18.26 -23.55 22.22
N ASP C 239 17.74 -22.58 22.98
CA ASP C 239 16.34 -22.61 23.43
C ASP C 239 15.33 -22.31 22.31
N GLY C 240 15.81 -21.96 21.12
CA GLY C 240 14.93 -21.58 20.02
C GLY C 240 14.40 -20.15 20.07
N VAL C 241 15.05 -19.30 20.85
CA VAL C 241 14.74 -17.87 20.84
C VAL C 241 15.44 -17.25 19.64
N GLU C 242 14.71 -16.41 18.90
CA GLU C 242 15.35 -15.71 17.81
C GLU C 242 16.04 -14.44 18.29
N HIS C 243 17.16 -14.07 17.69
CA HIS C 243 17.80 -12.78 18.01
C HIS C 243 17.91 -11.92 16.78
N ASP C 244 17.30 -10.73 16.79
CA ASP C 244 17.39 -9.82 15.63
C ASP C 244 18.21 -8.57 15.89
N ILE C 245 18.81 -8.01 14.83
CA ILE C 245 19.36 -6.66 14.85
C ILE C 245 18.38 -5.66 14.22
N LEU C 246 18.69 -4.37 14.32
CA LEU C 246 17.96 -3.30 13.65
C LEU C 246 18.92 -2.74 12.59
N ARG C 247 18.50 -2.79 11.33
CA ARG C 247 19.35 -2.48 10.17
C ARG C 247 18.85 -1.23 9.48
N ASP C 248 19.72 -0.51 8.81
CA ASP C 248 19.25 0.76 8.29
C ASP C 248 19.98 1.08 7.03
N HIS C 249 20.30 0.05 6.23
CA HIS C 249 20.85 0.22 4.87
C HIS C 249 20.45 1.49 4.05
N MET C 250 21.38 2.01 3.22
CA MET C 250 21.07 3.01 2.16
C MET C 250 21.97 2.77 0.94
N ALA C 251 21.48 3.16 -0.23
CA ALA C 251 22.28 3.06 -1.43
C ALA C 251 23.18 4.31 -1.53
N PHE C 252 24.25 4.19 -2.31
CA PHE C 252 25.11 5.31 -2.62
C PHE C 252 25.93 4.94 -3.84
N GLY C 253 26.59 5.92 -4.45
CA GLY C 253 27.44 5.59 -5.55
C GLY C 253 27.89 6.68 -6.45
N SER C 254 28.61 6.27 -7.49
CA SER C 254 29.25 7.18 -8.40
C SER C 254 29.20 6.49 -9.76
N LEU C 255 28.57 7.15 -10.71
CA LEU C 255 28.39 6.63 -12.06
C LEU C 255 29.72 6.54 -12.78
N GLY C 256 30.51 7.60 -12.68
CA GLY C 256 31.77 7.73 -13.40
C GLY C 256 32.83 6.80 -12.87
N GLU C 257 32.87 6.70 -11.55
CA GLU C 257 33.74 5.76 -10.85
C GLU C 257 33.19 4.31 -10.85
N ALA C 258 32.13 4.05 -11.62
CA ALA C 258 31.39 2.76 -11.57
C ALA C 258 31.24 2.12 -10.15
N GLU C 259 31.14 2.97 -9.13
CA GLU C 259 30.91 2.52 -7.76
C GLU C 259 29.42 2.49 -7.40
N TYR C 260 28.90 1.28 -7.19
CA TYR C 260 27.51 1.08 -6.75
C TYR C 260 27.55 0.40 -5.40
N GLY C 261 26.96 1.04 -4.40
CA GLY C 261 27.10 0.57 -3.05
C GLY C 261 25.86 0.41 -2.20
N THR C 262 25.97 -0.49 -1.23
CA THR C 262 25.08 -0.57 -0.10
C THR C 262 25.84 -0.20 1.15
N TYR C 263 25.34 0.78 1.91
CA TYR C 263 25.92 1.07 3.21
C TYR C 263 25.19 0.30 4.30
N PHE C 264 25.84 -0.72 4.83
CA PHE C 264 25.27 -1.46 5.95
C PHE C 264 25.47 -0.72 7.25
N ILE C 265 24.43 -0.71 8.07
CA ILE C 265 24.52 -0.22 9.44
C ILE C 265 23.52 -1.03 10.24
N GLY C 266 23.97 -1.64 11.32
CA GLY C 266 23.12 -2.50 12.15
C GLY C 266 23.31 -2.20 13.63
N TYR C 267 22.18 -2.06 14.35
CA TYR C 267 22.16 -1.76 15.78
C TYR C 267 21.72 -3.00 16.52
N ALA C 268 22.30 -3.23 17.71
CA ALA C 268 21.97 -4.39 18.57
C ALA C 268 22.32 -4.08 20.03
N LYS C 269 21.55 -4.65 20.97
CA LYS C 269 21.84 -4.46 22.39
C LYS C 269 23.15 -5.19 22.80
N ASP C 270 23.49 -6.22 22.02
CA ASP C 270 24.68 -7.03 22.18
C ASP C 270 25.26 -7.29 20.79
N PRO C 271 26.49 -6.86 20.56
CA PRO C 271 27.18 -7.06 19.26
C PRO C 271 27.52 -8.53 18.99
N ALA C 272 27.38 -9.40 19.97
CA ALA C 272 27.56 -10.83 19.74
C ALA C 272 26.66 -11.30 18.58
N VAL C 273 25.44 -10.74 18.54
CA VAL C 273 24.44 -11.10 17.53
C VAL C 273 24.90 -10.67 16.14
N THR C 274 25.25 -9.39 16.00
CA THR C 274 25.74 -8.89 14.72
C THR C 274 27.00 -9.64 14.25
N GLU C 275 27.90 -9.96 15.20
CA GLU C 275 29.17 -10.62 14.84
C GLU C 275 28.93 -12.08 14.41
N LEU C 276 27.97 -12.71 15.05
CA LEU C 276 27.60 -14.06 14.67
C LEU C 276 27.06 -14.10 13.24
N MET C 277 26.18 -13.16 12.90
CA MET C 277 25.69 -13.02 11.53
C MET C 277 26.84 -12.83 10.55
N LEU C 278 27.76 -11.92 10.88
CA LEU C 278 28.93 -11.68 10.03
C LEU C 278 29.86 -12.92 9.85
N ARG C 279 30.04 -13.70 10.92
CA ARG C 279 30.79 -14.97 10.86
C ARG C 279 30.05 -15.97 9.95
N ARG C 280 28.73 -16.11 10.16
CA ARG C 280 27.97 -17.05 9.32
C ARG C 280 27.97 -16.59 7.87
N MET C 281 28.08 -15.29 7.66
CA MET C 281 28.16 -14.74 6.31
C MET C 281 29.51 -14.99 5.64
N PHE C 282 30.59 -14.55 6.30
CA PHE C 282 31.93 -14.67 5.69
C PHE C 282 32.56 -16.08 5.77
N LEU C 283 32.30 -16.80 6.86
CA LEU C 283 32.91 -18.12 7.10
C LEU C 283 31.97 -19.25 6.72
N GLY C 284 30.67 -19.00 6.73
CA GLY C 284 29.70 -20.00 6.30
C GLY C 284 29.16 -20.83 7.44
N GLU C 285 28.03 -21.49 7.23
CA GLU C 285 27.51 -22.49 8.14
C GLU C 285 26.66 -23.46 7.33
N PRO C 286 27.09 -24.73 7.28
CA PRO C 286 28.37 -25.25 7.80
C PRO C 286 29.59 -24.46 7.28
N PRO C 287 30.73 -24.53 8.00
CA PRO C 287 31.91 -23.76 7.56
C PRO C 287 32.22 -23.91 6.08
N GLY C 288 32.46 -22.80 5.39
CA GLY C 288 32.76 -22.79 3.95
C GLY C 288 31.52 -22.55 3.10
N ASN C 289 30.35 -22.92 3.64
CA ASN C 289 29.04 -22.66 3.02
C ASN C 289 28.63 -21.20 3.28
N TYR C 290 29.32 -20.26 2.62
CA TYR C 290 29.16 -18.82 2.90
C TYR C 290 28.06 -18.10 2.10
N ASP C 291 27.88 -16.81 2.40
CA ASP C 291 26.84 -15.99 1.81
C ASP C 291 27.26 -15.50 0.43
N ARG C 292 26.50 -15.91 -0.60
CA ARG C 292 26.83 -15.56 -1.99
C ARG C 292 26.77 -14.05 -2.27
N VAL C 293 26.10 -13.32 -1.37
CA VAL C 293 26.03 -11.87 -1.52
C VAL C 293 27.48 -11.40 -1.54
N LEU C 294 28.34 -12.07 -0.77
CA LEU C 294 29.78 -11.71 -0.70
C LEU C 294 30.56 -11.92 -2.00
N ASP C 295 30.07 -12.86 -2.82
CA ASP C 295 30.60 -12.99 -4.19
C ASP C 295 30.39 -11.74 -5.05
N PHE C 296 29.51 -10.83 -4.62
CA PHE C 296 29.11 -9.69 -5.46
C PHE C 296 29.25 -8.38 -4.76
N SER C 297 29.65 -8.46 -3.50
CA SER C 297 29.73 -7.30 -2.67
C SER C 297 31.01 -7.41 -1.87
N THR C 298 31.76 -6.31 -1.83
CA THR C 298 32.99 -6.26 -1.08
C THR C 298 32.95 -5.13 -0.06
N ALA C 299 33.19 -5.48 1.19
CA ALA C 299 33.23 -4.51 2.27
C ALA C 299 34.55 -3.73 2.25
N ALA C 300 34.48 -2.41 2.17
CA ALA C 300 35.67 -1.56 2.23
C ALA C 300 35.89 -1.00 3.63
N THR C 301 34.91 -1.10 4.50
CA THR C 301 35.07 -0.65 5.91
C THR C 301 34.50 -1.67 6.87
N GLY C 302 34.79 -1.49 8.15
CA GLY C 302 34.24 -2.35 9.20
C GLY C 302 34.65 -1.66 10.46
N THR C 303 33.68 -1.08 11.17
CA THR C 303 33.93 -0.28 12.36
C THR C 303 32.80 -0.51 13.37
N LEU C 304 33.11 -0.53 14.65
CA LEU C 304 32.13 -0.84 15.68
C LEU C 304 32.10 0.33 16.63
N PHE C 305 30.90 0.79 16.98
CA PHE C 305 30.77 1.93 17.87
C PHE C 305 29.78 1.65 18.98
N PHE C 306 29.99 2.31 20.12
CA PHE C 306 29.02 2.30 21.17
C PHE C 306 28.16 3.52 20.99
N VAL C 307 26.85 3.29 21.12
CA VAL C 307 25.88 4.33 21.04
C VAL C 307 25.39 4.53 22.46
N PRO C 308 25.90 5.58 23.12
CA PRO C 308 25.48 6.02 24.43
C PRO C 308 24.05 6.48 24.40
N SER C 309 23.33 6.27 25.49
CA SER C 309 22.05 6.92 25.71
C SER C 309 22.25 8.44 25.72
N ARG C 310 21.16 9.20 25.65
CA ARG C 310 21.20 10.66 25.74
C ARG C 310 21.97 11.08 26.99
N ASP C 311 21.56 10.55 28.15
CA ASP C 311 22.20 10.90 29.44
C ASP C 311 23.71 10.64 29.48
N VAL C 312 24.08 9.41 29.22
CA VAL C 312 25.47 9.05 29.14
C VAL C 312 26.21 9.92 28.12
N LEU C 313 25.60 10.18 26.96
CA LEU C 313 26.28 11.01 25.95
C LEU C 313 26.53 12.42 26.47
N GLU C 314 25.52 13.02 27.08
CA GLU C 314 25.58 14.42 27.53
C GLU C 314 26.64 14.68 28.59
N SER C 315 26.97 13.62 29.34
CA SER C 315 28.02 13.65 30.35
C SER C 315 29.34 13.14 29.83
N LEU C 316 30.13 14.01 29.21
CA LEU C 316 31.49 13.63 28.84
C LEU C 316 32.41 14.85 28.96
CHA HEM D . -21.97 7.92 15.76
CHB HEM D . -23.49 6.82 11.13
CHC HEM D . -23.70 2.16 12.28
CHD HEM D . -22.00 3.26 16.77
C1A HEM D . -22.35 7.98 14.36
C2A HEM D . -22.44 9.30 13.70
C3A HEM D . -22.89 8.98 12.33
C4A HEM D . -23.05 7.51 12.33
CMA HEM D . -23.19 9.92 11.19
CAA HEM D . -22.14 10.65 14.33
CBA HEM D . -20.66 11.05 14.28
CGA HEM D . -19.74 10.14 15.10
O1A HEM D . -19.17 9.22 14.48
O2A HEM D . -19.53 10.30 16.33
C1B HEM D . -23.73 5.39 11.03
C2B HEM D . -24.12 4.77 9.74
C3B HEM D . -24.16 3.38 10.11
C4B HEM D . -23.79 3.39 11.55
CMB HEM D . -24.37 5.46 8.45
CAB HEM D . -24.48 2.18 9.33
CBB HEM D . -25.11 2.25 8.18
C1C HEM D . -23.35 2.07 13.68
C2C HEM D . -23.44 0.77 14.41
C3C HEM D . -22.94 1.12 15.73
C4C HEM D . -22.61 2.55 15.68
CMC HEM D . -23.98 -0.54 13.92
CAC HEM D . -22.84 0.21 16.91
CBC HEM D . -22.58 -1.08 16.77
C1D HEM D . -21.83 4.68 16.87
C2D HEM D . -21.23 5.25 18.09
C3D HEM D . -21.23 6.67 17.79
C4D HEM D . -21.86 6.69 16.46
CMD HEM D . -20.75 4.53 19.32
CAD HEM D . -20.79 7.81 18.64
CBD HEM D . -22.05 8.12 19.43
CGD HEM D . -21.70 9.17 20.46
O1D HEM D . -21.47 8.74 21.62
O2D HEM D . -21.63 10.39 20.11
NA HEM D . -22.58 6.83 13.50
NB HEM D . -23.48 4.59 12.08
NC HEM D . -22.66 3.14 14.37
ND HEM D . -22.15 5.52 15.89
FE HEM D . -23.04 5.01 14.07
CL CL E . -8.13 -3.32 -1.81
CHA HEM F . 3.57 -1.48 -24.12
CHB HEM F . 1.34 -4.69 -20.96
CHC HEM F . -2.74 -4.61 -23.64
CHD HEM F . -0.46 -1.50 -26.77
C1A HEM F . 3.27 -2.39 -23.03
C2A HEM F . 4.28 -2.66 -21.97
C3A HEM F . 3.61 -3.60 -21.05
C4A HEM F . 2.25 -3.80 -21.63
CMA HEM F . 4.15 -4.27 -19.82
CAA HEM F . 5.73 -2.20 -21.83
CBA HEM F . 6.04 -0.79 -21.39
CGA HEM F . 5.21 0.25 -22.13
O1A HEM F . 4.03 0.45 -21.72
O2A HEM F . 5.67 0.87 -23.13
C1B HEM F . 0.01 -4.97 -21.48
C2B HEM F . -0.92 -5.87 -20.68
C3B HEM F . -2.10 -5.79 -21.52
C4B HEM F . -1.72 -4.89 -22.64
CMB HEM F . -0.66 -6.59 -19.39
CAB HEM F . -3.42 -6.43 -21.38
CBB HEM F . -3.65 -7.37 -20.49
C1C HEM F . -2.44 -3.81 -24.78
C2C HEM F . -3.41 -3.66 -25.88
C3C HEM F . -2.68 -2.77 -26.78
C4C HEM F . -1.38 -2.44 -26.16
CMC HEM F . -4.75 -4.29 -26.07
CAC HEM F . -3.12 -2.28 -28.11
CBC HEM F . -4.38 -2.45 -28.42
C1D HEM F . 0.85 -1.19 -26.28
C2D HEM F . 1.66 -0.20 -27.02
C3D HEM F . 2.87 -0.21 -26.23
C4D HEM F . 2.60 -1.20 -25.15
CMD HEM F . 1.34 0.59 -28.25
CAD HEM F . 4.11 0.56 -26.49
CBD HEM F . 5.02 -0.45 -27.23
CGD HEM F . 6.15 0.33 -27.84
O1D HEM F . 7.30 0.38 -27.29
O2D HEM F . 5.85 0.92 -28.91
NA HEM F . 1.94 -2.96 -22.76
NB HEM F . -0.47 -4.37 -22.58
NC HEM F . -1.28 -2.93 -24.81
ND HEM F . 1.37 -1.74 -25.16
FE HEM F . 0.44 -3.19 -24.03
CL CL G . -14.82 4.82 -8.18
CHA HEM H . 17.94 -9.31 5.01
CHB HEM H . 20.59 -7.35 1.22
CHC HEM H . 24.38 -6.94 4.18
CHD HEM H . 21.69 -8.72 7.96
C1A HEM H . 18.38 -8.81 3.73
C2A HEM H . 17.47 -8.90 2.55
C3A HEM H . 18.25 -8.33 1.44
C4A HEM H . 19.55 -7.94 2.05
CMA HEM H . 17.84 -8.15 0.01
CAA HEM H . 16.05 -9.44 2.50
CBA HEM H . 15.09 -8.33 2.89
CGA HEM H . 15.07 -8.03 4.38
O1A HEM H . 14.40 -8.75 5.17
O2A HEM H . 15.72 -7.02 4.79
C1B HEM H . 21.92 -7.11 1.71
C2B HEM H . 22.94 -6.50 0.83
C3B HEM H . 24.04 -6.38 1.77
C4B HEM H . 23.52 -6.93 3.02
CMB HEM H . 22.82 -6.11 -0.61
CAB HEM H . 25.42 -5.86 1.60
CBB HEM H . 25.84 -5.46 0.42
C1C HEM H . 23.98 -7.48 5.47
C2C HEM H . 24.97 -7.66 6.56
C3C HEM H . 24.16 -8.20 7.65
C4C HEM H . 22.78 -8.28 7.13
CMC HEM H . 26.46 -7.40 6.54
CAC HEM H . 24.60 -8.62 9.01
CBC HEM H . 25.59 -8.02 9.68
C1D HEM H . 20.39 -9.03 7.43
C2D HEM H . 19.37 -9.54 8.36
C3D HEM H . 18.23 -9.74 7.48
C4D HEM H . 18.79 -9.32 6.16
CMD HEM H . 19.47 -9.79 9.82
CAD HEM H . 16.86 -10.24 7.84
CBD HEM H . 16.96 -11.76 7.84
CGD HEM H . 15.58 -12.27 8.16
O1D HEM H . 14.86 -12.60 7.19
O2D HEM H . 15.22 -12.32 9.36
NA HEM H . 19.62 -8.08 3.50
NB HEM H . 22.25 -7.33 3.00
NC HEM H . 22.59 -7.67 5.82
ND HEM H . 20.03 -8.84 6.14
FE HEM H . 21.23 -8.26 4.57
CL CL I . 24.49 14.77 2.85
#